data_2XZ1
#
_entry.id   2XZ1
#
_cell.length_a   76.404
_cell.length_b   76.404
_cell.length_c   403.372
_cell.angle_alpha   90.00
_cell.angle_beta   90.00
_cell.angle_gamma   90.00
#
_symmetry.space_group_name_H-M   'P 43 2 2'
#
loop_
_entity.id
_entity.type
_entity.pdbx_description
1 polymer 'ACYL-[ACYL-CARRIER-PROTEIN] DESATURASE, CHLOROPLASTIC'
2 polymer 'ACYL CARRIER PROTEIN 1, CHLOROPLASTIC'
3 non-polymer 'FE (III) ION'
4 non-polymer 'CALCIUM ION'
5 non-polymer 'CACODYLATE ION'
6 non-polymer (2R)-2,4-dihydroxy-3,3-dimethyl-N-{3-oxo-3-[(2-sulfanylethyl)amino]propyl}butanamide
#
loop_
_entity_poly.entity_id
_entity_poly.type
_entity_poly.pdbx_seq_one_letter_code
_entity_poly.pdbx_strand_id
1 'polypeptide(L)'
;ASTLKSGSKEVENLKKPFMPPREVHVQVTHSMPPQKIEIFKSLDNWAEENILVHLKPVEKCWQPQDFLPDPASDGFDEQV
RELRERAKEIPDDYFVVLVGDMITEEALPTYQTMLNTLDGVRDETGASPTSWAIWTRAWTAEENRHGDLLNKYLYLSGRV
DMRQIEKTIQYLIGSGMDPRTENSPYLGFIYTSFQERATFISHGNTARQAKEHGDIKLAQICGTIAADEKRHETAYTKIV
EKLFEIDPDGTVLAFADMMRKKISMPAHLMYDGRDDNLFDHFSAVAQRLGVYTAKDYADILEFLVGRWKVDKLTGLSAEG
QKAQDYVCRLPPRIRRLEERAQGRAKEAPTMPFSWIFDRQVKL
;
A,B
2 'polypeptide(L)'
;AKKETIDKVSDIVKEKLALGADVVVTADSEFSKLGAD(SEP)LDTVEIVMNLEEEFGINVDEDKAQDISTIQQAADVIEG
LLEKKA
;
C,D
#
# COMPACT_ATOMS: atom_id res chain seq x y z
N VAL A 11 17.34 -21.21 3.34
CA VAL A 11 18.25 -22.39 3.17
C VAL A 11 18.36 -23.14 4.52
N GLU A 12 18.76 -24.43 4.45
CA GLU A 12 18.93 -25.35 5.61
C GLU A 12 17.76 -25.39 6.62
N ASN A 13 16.54 -25.26 6.09
CA ASN A 13 15.36 -24.96 6.91
C ASN A 13 14.50 -26.15 7.41
N LEU A 14 13.44 -25.83 8.16
CA LEU A 14 12.44 -26.77 8.67
C LEU A 14 11.08 -26.10 8.55
N LYS A 15 10.12 -26.53 9.37
CA LYS A 15 8.82 -25.83 9.51
C LYS A 15 8.61 -25.19 10.91
N LYS A 16 8.43 -23.86 10.90
CA LYS A 16 8.21 -23.07 12.11
C LYS A 16 6.82 -23.26 12.73
N PRO A 17 6.72 -22.99 14.02
CA PRO A 17 5.46 -23.18 14.76
C PRO A 17 4.30 -22.30 14.27
N PHE A 18 4.55 -21.03 13.96
CA PHE A 18 3.47 -20.16 13.47
C PHE A 18 3.77 -19.64 12.07
N MET A 19 3.53 -20.50 11.08
CA MET A 19 3.82 -20.19 9.68
C MET A 19 2.56 -19.91 8.87
N PRO A 20 2.56 -18.81 8.10
CA PRO A 20 1.43 -18.51 7.21
C PRO A 20 1.44 -19.42 5.98
N PRO A 21 0.31 -19.51 5.24
CA PRO A 21 0.34 -20.20 3.95
C PRO A 21 1.07 -19.37 2.87
N ARG A 22 2.09 -19.97 2.25
CA ARG A 22 2.82 -19.36 1.14
C ARG A 22 2.18 -19.77 -0.21
N GLU A 23 2.46 -19.00 -1.27
CA GLU A 23 2.00 -19.34 -2.64
C GLU A 23 2.69 -20.62 -3.11
N VAL A 24 1.93 -21.55 -3.69
CA VAL A 24 2.47 -22.89 -4.00
C VAL A 24 2.67 -23.12 -5.50
N HIS A 25 3.48 -22.27 -6.13
CA HIS A 25 3.73 -22.33 -7.57
C HIS A 25 4.91 -21.43 -7.90
N VAL A 26 5.72 -21.86 -8.85
CA VAL A 26 6.85 -21.08 -9.33
C VAL A 26 6.40 -19.73 -9.87
N GLN A 27 7.04 -18.67 -9.42
CA GLN A 27 6.64 -17.30 -9.75
C GLN A 27 7.16 -16.95 -11.14
N VAL A 28 6.24 -16.53 -12.01
CA VAL A 28 6.60 -16.09 -13.35
C VAL A 28 6.53 -14.58 -13.44
N THR A 29 7.54 -13.96 -14.04
CA THR A 29 7.60 -12.50 -14.15
C THR A 29 7.88 -12.04 -15.57
N HIS A 30 7.28 -10.91 -15.94
CA HIS A 30 7.51 -10.26 -17.24
C HIS A 30 7.22 -11.18 -18.43
N SER A 31 6.06 -11.83 -18.39
CA SER A 31 5.65 -12.72 -19.47
C SER A 31 5.32 -11.92 -20.73
N MET A 32 4.87 -10.69 -20.54
CA MET A 32 4.53 -9.81 -21.64
C MET A 32 5.79 -9.40 -22.38
N PRO A 33 5.74 -9.43 -23.73
CA PRO A 33 6.90 -9.07 -24.55
C PRO A 33 7.23 -7.58 -24.46
N PRO A 34 8.45 -7.25 -23.97
CA PRO A 34 8.86 -5.87 -23.69
C PRO A 34 8.49 -4.81 -24.74
N GLN A 35 8.31 -5.22 -26.00
CA GLN A 35 7.92 -4.29 -27.09
C GLN A 35 6.59 -3.61 -26.80
N LYS A 36 5.69 -4.37 -26.16
CA LYS A 36 4.32 -3.94 -25.93
C LYS A 36 4.16 -2.86 -24.85
N ILE A 37 5.23 -2.58 -24.12
CA ILE A 37 5.21 -1.48 -23.15
C ILE A 37 4.80 -0.17 -23.86
N GLU A 38 5.29 0.02 -25.08
CA GLU A 38 4.89 1.15 -25.90
C GLU A 38 3.38 1.36 -25.96
N ILE A 39 2.62 0.30 -26.24
CA ILE A 39 1.16 0.40 -26.34
C ILE A 39 0.62 1.34 -25.26
N PHE A 40 1.09 1.16 -24.03
CA PHE A 40 0.58 1.92 -22.88
C PHE A 40 1.09 3.35 -22.78
N LYS A 41 2.28 3.58 -23.31
CA LYS A 41 2.80 4.94 -23.45
C LYS A 41 1.95 5.73 -24.45
N SER A 42 1.57 5.06 -25.54
CA SER A 42 0.71 5.65 -26.58
C SER A 42 -0.70 5.93 -26.06
N LEU A 43 -1.14 5.10 -25.12
CA LEU A 43 -2.48 5.22 -24.57
C LEU A 43 -2.52 6.08 -23.31
N ASP A 44 -1.44 6.81 -23.04
CA ASP A 44 -1.41 7.63 -21.83
C ASP A 44 -2.45 8.70 -21.90
N ASN A 45 -2.54 9.36 -23.05
CA ASN A 45 -3.51 10.42 -23.26
C ASN A 45 -4.95 9.90 -23.40
N TRP A 46 -5.06 8.63 -23.78
CA TRP A 46 -6.37 7.98 -23.88
C TRP A 46 -6.96 7.73 -22.50
N ALA A 47 -6.10 7.33 -21.57
CA ALA A 47 -6.52 7.01 -20.21
C ALA A 47 -7.03 8.25 -19.49
N GLU A 48 -6.37 9.37 -19.70
CA GLU A 48 -6.81 10.62 -19.15
C GLU A 48 -8.26 10.89 -19.55
N GLU A 49 -8.56 10.59 -20.82
CA GLU A 49 -9.85 10.94 -21.43
C GLU A 49 -10.98 9.96 -21.08
N ASN A 50 -10.64 8.66 -20.97
CA ASN A 50 -11.66 7.60 -20.78
C ASN A 50 -11.67 6.88 -19.43
N ILE A 51 -10.60 7.00 -18.67
CA ILE A 51 -10.43 6.20 -17.47
C ILE A 51 -10.51 7.06 -16.22
N LEU A 52 -9.69 8.12 -16.19
CA LEU A 52 -9.65 9.03 -15.05
C LEU A 52 -10.99 9.70 -14.73
N VAL A 53 -11.89 9.77 -15.71
CA VAL A 53 -13.23 10.33 -15.51
C VAL A 53 -14.09 9.45 -14.60
N HIS A 54 -13.66 8.21 -14.39
CA HIS A 54 -14.35 7.29 -13.50
C HIS A 54 -13.93 7.48 -12.04
N LEU A 55 -13.05 8.44 -11.81
CA LEU A 55 -12.64 8.80 -10.46
C LEU A 55 -13.59 9.87 -9.97
N LYS A 56 -14.01 9.72 -8.70
CA LYS A 56 -14.90 10.68 -8.06
C LYS A 56 -14.00 11.73 -7.45
N PRO A 57 -14.09 12.99 -7.92
CA PRO A 57 -13.34 14.09 -7.32
C PRO A 57 -13.39 14.04 -5.79
N VAL A 58 -12.23 14.14 -5.15
CA VAL A 58 -12.11 13.94 -3.70
C VAL A 58 -13.15 14.71 -2.88
N GLU A 59 -13.47 15.92 -3.33
CA GLU A 59 -14.41 16.79 -2.62
C GLU A 59 -15.82 16.23 -2.54
N LYS A 60 -16.21 15.45 -3.55
CA LYS A 60 -17.54 14.88 -3.61
C LYS A 60 -17.63 13.46 -3.04
N CYS A 61 -16.50 12.94 -2.56
CA CYS A 61 -16.46 11.59 -1.98
C CYS A 61 -17.07 11.48 -0.59
N TRP A 62 -17.67 10.34 -0.32
CA TRP A 62 -18.13 10.04 1.03
C TRP A 62 -16.90 9.74 1.87
N GLN A 63 -17.01 9.84 3.19
CA GLN A 63 -15.92 9.45 4.07
C GLN A 63 -16.45 8.56 5.18
N PRO A 64 -15.61 7.64 5.70
CA PRO A 64 -16.03 6.83 6.82
C PRO A 64 -16.89 7.58 7.83
N GLN A 65 -16.46 8.75 8.26
CA GLN A 65 -17.21 9.52 9.25
C GLN A 65 -18.69 9.69 8.89
N ASP A 66 -18.99 9.83 7.61
CA ASP A 66 -20.37 9.99 7.14
C ASP A 66 -21.32 8.89 7.62
N PHE A 67 -20.82 7.67 7.71
CA PHE A 67 -21.64 6.50 8.06
C PHE A 67 -21.58 6.04 9.52
N LEU A 68 -20.55 6.45 10.24
CA LEU A 68 -20.36 6.04 11.62
C LEU A 68 -20.95 7.08 12.58
N PRO A 69 -21.06 6.72 13.87
CA PRO A 69 -21.40 7.66 14.92
C PRO A 69 -20.49 8.89 14.93
N ASP A 70 -21.08 10.07 15.10
CA ASP A 70 -20.33 11.33 15.13
C ASP A 70 -19.76 11.58 16.53
N PRO A 71 -18.43 11.40 16.71
CA PRO A 71 -17.83 11.53 18.04
C PRO A 71 -17.76 12.97 18.55
N ALA A 72 -18.02 13.93 17.66
CA ALA A 72 -17.99 15.35 18.00
C ALA A 72 -19.29 15.90 18.61
N SER A 73 -20.40 15.16 18.49
CA SER A 73 -21.70 15.62 18.99
C SER A 73 -22.15 14.90 20.26
N ASP A 74 -23.09 15.51 20.97
CA ASP A 74 -23.65 14.95 22.19
C ASP A 74 -24.32 13.60 21.96
N GLY A 75 -24.93 13.44 20.79
CA GLY A 75 -25.65 12.22 20.46
C GLY A 75 -24.79 10.98 20.35
N PHE A 76 -23.47 11.18 20.42
CA PHE A 76 -22.52 10.10 20.20
C PHE A 76 -22.83 8.87 21.03
N ASP A 77 -23.12 9.06 22.32
CA ASP A 77 -23.32 7.95 23.24
C ASP A 77 -24.48 7.04 22.82
N GLU A 78 -25.60 7.64 22.42
CA GLU A 78 -26.73 6.86 21.92
C GLU A 78 -26.41 6.21 20.58
N GLN A 79 -25.82 6.99 19.68
CA GLN A 79 -25.47 6.51 18.32
C GLN A 79 -24.69 5.21 18.34
N VAL A 80 -23.63 5.16 19.14
CA VAL A 80 -22.86 3.94 19.37
C VAL A 80 -23.75 2.83 19.95
N ARG A 81 -24.48 3.19 21.00
CA ARG A 81 -25.37 2.28 21.75
C ARG A 81 -26.38 1.56 20.85
N GLU A 82 -26.92 2.27 19.86
CA GLU A 82 -27.82 1.69 18.86
C GLU A 82 -27.07 0.79 17.90
N LEU A 83 -25.95 1.29 17.39
CA LEU A 83 -25.08 0.52 16.52
C LEU A 83 -24.86 -0.84 17.14
N ARG A 84 -24.64 -0.88 18.46
CA ARG A 84 -24.36 -2.11 19.16
C ARG A 84 -25.61 -2.97 19.32
N GLU A 85 -26.73 -2.31 19.59
CA GLU A 85 -28.00 -3.02 19.78
C GLU A 85 -28.49 -3.69 18.50
N ARG A 86 -28.30 -3.03 17.35
CA ARG A 86 -28.68 -3.62 16.07
C ARG A 86 -27.72 -4.73 15.70
N ALA A 87 -26.45 -4.57 16.12
CA ALA A 87 -25.41 -5.57 15.89
C ALA A 87 -25.62 -6.86 16.69
N LYS A 88 -26.37 -6.78 17.78
CA LYS A 88 -26.71 -7.97 18.57
C LYS A 88 -27.50 -8.95 17.72
N GLU A 89 -28.36 -8.44 16.86
CA GLU A 89 -29.28 -9.26 16.07
C GLU A 89 -28.66 -9.94 14.85
N ILE A 90 -27.47 -9.49 14.47
CA ILE A 90 -26.79 -10.03 13.30
C ILE A 90 -26.08 -11.33 13.67
N PRO A 91 -26.47 -12.43 13.02
CA PRO A 91 -25.92 -13.75 13.35
C PRO A 91 -24.41 -13.81 13.08
N ASP A 92 -23.67 -14.53 13.93
CA ASP A 92 -22.21 -14.65 13.79
C ASP A 92 -21.74 -15.01 12.39
N ASP A 93 -22.35 -16.02 11.78
CA ASP A 93 -21.95 -16.45 10.44
C ASP A 93 -21.89 -15.32 9.42
N TYR A 94 -22.71 -14.30 9.62
CA TYR A 94 -22.65 -13.11 8.80
C TYR A 94 -21.39 -12.28 9.14
N PHE A 95 -21.16 -12.06 10.43
CA PHE A 95 -19.99 -11.32 10.90
C PHE A 95 -18.68 -11.91 10.39
N VAL A 96 -18.60 -13.24 10.29
CA VAL A 96 -17.41 -13.91 9.76
C VAL A 96 -17.11 -13.42 8.35
N VAL A 97 -18.15 -13.38 7.53
CA VAL A 97 -18.06 -12.90 6.15
C VAL A 97 -17.79 -11.40 6.08
N LEU A 98 -18.28 -10.68 7.07
CA LEU A 98 -18.03 -9.26 7.15
C LEU A 98 -16.58 -8.99 7.52
N VAL A 99 -16.09 -9.67 8.56
CA VAL A 99 -14.70 -9.52 9.01
C VAL A 99 -13.81 -9.95 7.90
N GLY A 100 -14.25 -10.96 7.16
CA GLY A 100 -13.57 -11.39 5.97
C GLY A 100 -13.35 -10.30 4.93
N ASP A 101 -14.37 -9.50 4.66
CA ASP A 101 -14.17 -8.38 3.75
C ASP A 101 -13.26 -7.37 4.38
N MET A 102 -13.52 -7.03 5.65
CA MET A 102 -12.73 -6.01 6.33
C MET A 102 -11.25 -6.33 6.23
N ILE A 103 -10.90 -7.58 6.49
CA ILE A 103 -9.52 -8.02 6.38
C ILE A 103 -8.99 -7.95 4.95
N THR A 104 -9.75 -8.43 3.97
CA THR A 104 -9.35 -8.29 2.57
C THR A 104 -9.04 -6.83 2.32
N GLU A 105 -10.03 -5.98 2.51
CA GLU A 105 -9.90 -4.56 2.25
C GLU A 105 -8.67 -3.90 2.93
N GLU A 106 -8.40 -4.29 4.17
CA GLU A 106 -7.38 -3.64 4.97
C GLU A 106 -5.97 -3.94 4.48
N ALA A 107 -5.83 -4.96 3.63
CA ALA A 107 -4.54 -5.33 3.06
C ALA A 107 -4.30 -4.58 1.76
N LEU A 108 -4.87 -3.37 1.68
CA LEU A 108 -4.78 -2.52 0.50
C LEU A 108 -3.36 -2.25 -0.02
N PRO A 109 -2.38 -2.01 0.89
CA PRO A 109 -1.04 -1.73 0.40
C PRO A 109 -0.62 -2.71 -0.70
N THR A 110 -0.97 -3.99 -0.52
CA THR A 110 -0.60 -5.03 -1.46
C THR A 110 -1.09 -4.76 -2.88
N TYR A 111 -2.34 -4.29 -3.00
CA TYR A 111 -2.98 -4.15 -4.32
C TYR A 111 -2.33 -3.04 -5.11
N GLN A 112 -2.11 -1.91 -4.46
CA GLN A 112 -1.33 -0.84 -5.04
C GLN A 112 0.01 -1.40 -5.44
N THR A 113 0.69 -2.06 -4.51
CA THR A 113 1.99 -2.69 -4.78
C THR A 113 1.96 -3.62 -5.99
N MET A 114 0.84 -4.33 -6.16
CA MET A 114 0.68 -5.28 -7.28
C MET A 114 0.40 -4.54 -8.57
N LEU A 115 -0.45 -3.51 -8.51
CA LEU A 115 -0.69 -2.67 -9.69
C LEU A 115 0.61 -2.05 -10.15
N ASN A 116 1.52 -1.81 -9.21
CA ASN A 116 2.76 -1.20 -9.57
C ASN A 116 3.83 -2.20 -9.99
N THR A 117 3.45 -3.47 -10.10
CA THR A 117 4.35 -4.44 -10.72
C THR A 117 4.18 -4.50 -12.23
N LEU A 118 3.02 -4.03 -12.71
CA LEU A 118 2.61 -4.13 -14.12
C LEU A 118 3.47 -3.27 -15.05
N ASP A 119 4.11 -3.95 -16.00
CA ASP A 119 5.15 -3.36 -16.85
C ASP A 119 4.87 -1.97 -17.39
N GLY A 120 3.85 -1.82 -18.23
CA GLY A 120 3.62 -0.55 -18.93
C GLY A 120 3.05 0.60 -18.12
N VAL A 121 2.43 0.29 -16.98
CA VAL A 121 1.63 1.27 -16.27
C VAL A 121 2.10 1.56 -14.86
N ARG A 122 3.19 0.96 -14.44
CA ARG A 122 3.65 1.05 -13.06
C ARG A 122 4.03 2.47 -12.68
N ASP A 123 3.74 2.87 -11.46
CA ASP A 123 4.12 4.18 -10.93
C ASP A 123 5.63 4.25 -10.70
N GLU A 124 6.33 4.85 -11.64
CA GLU A 124 7.79 4.80 -11.65
C GLU A 124 8.48 5.50 -10.46
N THR A 125 7.79 6.42 -9.80
CA THR A 125 8.42 7.27 -8.77
C THR A 125 7.65 7.39 -7.49
N GLY A 126 6.37 7.03 -7.54
CA GLY A 126 5.49 7.21 -6.38
C GLY A 126 4.65 8.47 -6.46
N ALA A 127 4.92 9.29 -7.47
CA ALA A 127 4.18 10.53 -7.72
C ALA A 127 4.30 10.85 -9.20
N SER A 128 4.33 9.80 -10.02
CA SER A 128 4.50 9.91 -11.45
C SER A 128 3.23 10.51 -12.06
N PRO A 129 3.39 11.57 -12.87
CA PRO A 129 2.25 12.27 -13.44
C PRO A 129 1.61 11.55 -14.65
N THR A 130 1.97 10.29 -14.89
CA THR A 130 1.35 9.50 -15.96
C THR A 130 -0.07 9.15 -15.57
N SER A 131 -0.95 9.07 -16.56
CA SER A 131 -2.37 8.76 -16.33
C SER A 131 -2.61 7.45 -15.57
N TRP A 132 -1.72 6.49 -15.73
CA TRP A 132 -1.83 5.21 -15.01
C TRP A 132 -1.45 5.39 -13.54
N ALA A 133 -0.35 6.09 -13.28
CA ALA A 133 0.08 6.30 -11.91
C ALA A 133 -0.87 7.22 -11.18
N ILE A 134 -1.48 8.14 -11.91
CA ILE A 134 -2.51 9.01 -11.34
C ILE A 134 -3.71 8.16 -10.96
N TRP A 135 -4.15 7.28 -11.87
CA TRP A 135 -5.24 6.36 -11.60
C TRP A 135 -4.97 5.49 -10.38
N THR A 136 -3.83 4.78 -10.41
CA THR A 136 -3.43 3.84 -9.38
C THR A 136 -3.48 4.46 -8.01
N ARG A 137 -2.87 5.64 -7.87
CA ARG A 137 -2.84 6.33 -6.59
C ARG A 137 -4.23 6.83 -6.15
N ALA A 138 -4.97 7.38 -7.09
CA ALA A 138 -6.29 7.91 -6.80
C ALA A 138 -7.23 6.78 -6.45
N TRP A 139 -7.06 5.66 -7.15
CA TRP A 139 -7.87 4.48 -6.91
C TRP A 139 -7.60 3.98 -5.51
N THR A 140 -6.32 3.80 -5.20
CA THR A 140 -5.90 3.36 -3.88
C THR A 140 -6.49 4.25 -2.80
N ALA A 141 -6.54 5.56 -3.04
CA ALA A 141 -7.11 6.47 -2.07
C ALA A 141 -8.60 6.20 -1.79
N GLU A 142 -9.34 5.83 -2.85
CA GLU A 142 -10.76 5.54 -2.72
C GLU A 142 -11.01 4.23 -2.00
N GLU A 143 -10.10 3.28 -2.17
CA GLU A 143 -10.18 1.96 -1.54
C GLU A 143 -9.84 1.99 -0.07
N ASN A 144 -8.97 2.91 0.32
CA ASN A 144 -8.58 3.03 1.73
C ASN A 144 -9.79 3.26 2.63
N ARG A 145 -10.81 3.92 2.09
CA ARG A 145 -11.99 4.24 2.86
C ARG A 145 -12.82 3.02 3.23
N HIS A 146 -12.85 2.02 2.36
CA HIS A 146 -13.54 0.76 2.63
C HIS A 146 -12.96 0.17 3.90
N GLY A 147 -11.65 -0.05 3.89
CA GLY A 147 -10.93 -0.51 5.07
C GLY A 147 -11.30 0.24 6.34
N ASP A 148 -10.88 1.51 6.43
CA ASP A 148 -11.19 2.38 7.56
C ASP A 148 -12.62 2.27 8.09
N LEU A 149 -13.60 2.28 7.19
CA LEU A 149 -15.00 2.29 7.60
C LEU A 149 -15.48 0.95 8.18
N LEU A 150 -15.14 -0.16 7.55
CA LEU A 150 -15.54 -1.46 8.08
C LEU A 150 -14.79 -1.69 9.37
N ASN A 151 -13.52 -1.30 9.38
CA ASN A 151 -12.67 -1.42 10.54
C ASN A 151 -13.28 -0.77 11.78
N LYS A 152 -13.61 0.53 11.67
CA LYS A 152 -14.18 1.26 12.78
C LYS A 152 -15.53 0.69 13.20
N TYR A 153 -16.33 0.29 12.22
CA TYR A 153 -17.62 -0.31 12.52
C TYR A 153 -17.49 -1.64 13.23
N LEU A 154 -16.60 -2.49 12.73
CA LEU A 154 -16.43 -3.79 13.35
C LEU A 154 -15.91 -3.62 14.78
N TYR A 155 -15.16 -2.55 14.99
CA TYR A 155 -14.66 -2.23 16.31
C TYR A 155 -15.80 -1.85 17.24
N LEU A 156 -16.60 -0.87 16.83
CA LEU A 156 -17.69 -0.36 17.67
C LEU A 156 -18.75 -1.41 18.03
N SER A 157 -19.03 -2.34 17.12
CA SER A 157 -20.01 -3.41 17.36
C SER A 157 -19.74 -4.23 18.62
N GLY A 158 -18.47 -4.56 18.85
CA GLY A 158 -18.05 -5.37 19.99
C GLY A 158 -18.50 -6.81 19.85
N ARG A 159 -18.69 -7.23 18.61
CA ARG A 159 -19.13 -8.59 18.33
C ARG A 159 -17.94 -9.46 17.94
N VAL A 160 -16.82 -8.82 17.66
CA VAL A 160 -15.63 -9.51 17.17
C VAL A 160 -14.35 -9.24 17.97
N ASP A 161 -13.48 -10.24 18.00
CA ASP A 161 -12.18 -10.17 18.67
C ASP A 161 -11.23 -9.34 17.83
N MET A 162 -11.24 -8.04 18.08
CA MET A 162 -10.48 -7.11 17.25
C MET A 162 -8.98 -7.40 17.21
N ARG A 163 -8.43 -7.90 18.32
CA ARG A 163 -7.01 -8.24 18.37
C ARG A 163 -6.67 -9.30 17.34
N GLN A 164 -7.51 -10.34 17.24
CA GLN A 164 -7.30 -11.46 16.32
C GLN A 164 -7.40 -11.03 14.88
N ILE A 165 -8.35 -10.15 14.59
CA ILE A 165 -8.57 -9.61 13.25
C ILE A 165 -7.33 -8.82 12.80
N GLU A 166 -6.84 -7.96 13.68
CA GLU A 166 -5.66 -7.16 13.45
C GLU A 166 -4.43 -8.04 13.25
N LYS A 167 -4.35 -9.14 13.98
CA LYS A 167 -3.22 -10.05 13.83
C LYS A 167 -3.32 -10.71 12.47
N THR A 168 -4.55 -10.96 12.02
CA THR A 168 -4.81 -11.65 10.77
C THR A 168 -4.43 -10.75 9.61
N ILE A 169 -4.55 -9.44 9.83
CA ILE A 169 -4.21 -8.46 8.80
C ILE A 169 -2.70 -8.40 8.67
N GLN A 170 -2.01 -8.32 9.80
CA GLN A 170 -0.56 -8.32 9.81
C GLN A 170 0.00 -9.55 9.12
N TYR A 171 -0.60 -10.71 9.36
CA TYR A 171 -0.20 -11.95 8.68
C TYR A 171 -0.41 -11.91 7.16
N LEU A 172 -1.50 -11.26 6.72
CA LEU A 172 -1.85 -11.12 5.31
C LEU A 172 -1.00 -10.08 4.56
N ILE A 173 -0.70 -8.96 5.19
CA ILE A 173 0.17 -7.95 4.55
C ILE A 173 1.63 -8.43 4.48
N GLY A 174 2.06 -9.17 5.49
CA GLY A 174 3.33 -9.87 5.46
C GLY A 174 3.33 -10.84 4.32
N SER A 175 2.35 -11.74 4.30
CA SER A 175 2.22 -12.76 3.26
C SER A 175 2.21 -12.26 1.82
N GLY A 176 1.50 -11.15 1.58
CA GLY A 176 1.33 -10.64 0.22
C GLY A 176 0.39 -11.52 -0.58
N MET A 177 0.51 -11.48 -1.91
CA MET A 177 -0.30 -12.31 -2.80
C MET A 177 0.37 -12.38 -4.16
N ASP A 178 0.09 -13.44 -4.90
CA ASP A 178 0.52 -13.52 -6.29
C ASP A 178 -0.67 -13.91 -7.14
N PRO A 179 -1.30 -12.90 -7.76
CA PRO A 179 -2.46 -13.10 -8.63
C PRO A 179 -2.04 -13.79 -9.91
N ARG A 180 -0.73 -14.04 -10.04
CA ARG A 180 -0.13 -14.68 -11.20
C ARG A 180 -0.35 -13.82 -12.45
N THR A 181 -0.28 -12.50 -12.29
CA THR A 181 -0.45 -11.52 -13.37
C THR A 181 0.86 -11.24 -14.12
N GLU A 182 1.95 -11.76 -13.56
CA GLU A 182 3.26 -11.84 -14.23
C GLU A 182 3.74 -10.55 -14.90
N ASN A 183 3.42 -9.42 -14.27
CA ASN A 183 3.79 -8.08 -14.77
C ASN A 183 3.18 -7.71 -16.14
N SER A 184 2.18 -8.47 -16.60
CA SER A 184 1.50 -8.17 -17.83
C SER A 184 0.27 -7.38 -17.50
N PRO A 185 0.18 -6.11 -17.97
CA PRO A 185 -1.02 -5.30 -17.79
C PRO A 185 -2.28 -5.90 -18.45
N TYR A 186 -2.09 -6.75 -19.45
CA TYR A 186 -3.18 -7.55 -19.99
C TYR A 186 -3.70 -8.36 -18.83
N LEU A 187 -2.89 -9.31 -18.34
CA LEU A 187 -3.30 -10.19 -17.25
C LEU A 187 -3.85 -9.43 -16.03
N GLY A 188 -3.15 -8.37 -15.62
CA GLY A 188 -3.52 -7.61 -14.44
C GLY A 188 -4.86 -6.92 -14.53
N PHE A 189 -5.06 -6.14 -15.57
CA PHE A 189 -6.31 -5.41 -15.76
C PHE A 189 -7.52 -6.32 -15.99
N ILE A 190 -7.31 -7.46 -16.67
CA ILE A 190 -8.32 -8.52 -16.76
C ILE A 190 -8.60 -9.05 -15.36
N TYR A 191 -7.54 -9.43 -14.65
CA TYR A 191 -7.71 -9.87 -13.27
C TYR A 191 -8.55 -8.85 -12.53
N THR A 192 -8.07 -7.61 -12.41
CA THR A 192 -8.75 -6.57 -11.64
C THR A 192 -10.19 -6.35 -12.11
N SER A 193 -10.40 -6.27 -13.44
CA SER A 193 -11.75 -6.23 -13.98
C SER A 193 -12.66 -7.26 -13.30
N PHE A 194 -12.17 -8.49 -13.24
CA PHE A 194 -12.88 -9.61 -12.64
C PHE A 194 -13.06 -9.33 -11.16
N GLN A 195 -11.92 -9.25 -10.48
CA GLN A 195 -11.80 -9.09 -9.04
C GLN A 195 -12.70 -8.00 -8.49
N GLU A 196 -12.72 -6.86 -9.17
CA GLU A 196 -13.54 -5.70 -8.77
C GLU A 196 -15.05 -5.94 -8.91
N ARG A 197 -15.43 -6.76 -9.88
CA ARG A 197 -16.82 -7.13 -10.00
C ARG A 197 -17.21 -8.12 -8.89
N ALA A 198 -16.34 -9.07 -8.60
CA ALA A 198 -16.64 -10.00 -7.51
C ALA A 198 -17.01 -9.24 -6.24
N THR A 199 -16.24 -8.21 -5.90
CA THR A 199 -16.52 -7.42 -4.70
C THR A 199 -17.77 -6.55 -4.90
N PHE A 200 -18.14 -6.29 -6.14
CA PHE A 200 -19.41 -5.63 -6.43
C PHE A 200 -20.56 -6.56 -6.07
N ILE A 201 -20.56 -7.77 -6.62
CA ILE A 201 -21.60 -8.75 -6.30
C ILE A 201 -21.54 -9.11 -4.82
N SER A 202 -20.32 -9.22 -4.31
CA SER A 202 -20.10 -9.57 -2.93
C SER A 202 -20.80 -8.57 -2.01
N HIS A 203 -20.49 -7.28 -2.16
CA HIS A 203 -21.05 -6.24 -1.27
C HIS A 203 -22.51 -5.92 -1.57
N GLY A 204 -22.93 -6.21 -2.79
CA GLY A 204 -24.34 -6.11 -3.14
C GLY A 204 -25.13 -7.04 -2.25
N ASN A 205 -24.71 -8.30 -2.20
CA ASN A 205 -25.40 -9.28 -1.38
C ASN A 205 -25.36 -8.98 0.12
N THR A 206 -24.17 -8.71 0.66
CA THR A 206 -24.01 -8.40 2.09
C THR A 206 -24.85 -7.19 2.50
N ALA A 207 -24.96 -6.21 1.61
CA ALA A 207 -25.83 -5.06 1.81
C ALA A 207 -27.28 -5.51 1.86
N ARG A 208 -27.68 -6.25 0.83
CA ARG A 208 -29.04 -6.69 0.68
C ARG A 208 -29.45 -7.68 1.78
N GLN A 209 -28.47 -8.24 2.47
CA GLN A 209 -28.74 -9.18 3.56
C GLN A 209 -28.84 -8.52 4.93
N ALA A 210 -27.96 -7.55 5.18
CA ALA A 210 -28.01 -6.73 6.41
C ALA A 210 -29.34 -5.95 6.46
N LYS A 211 -29.86 -5.61 5.27
CA LYS A 211 -31.13 -4.92 5.13
C LYS A 211 -32.25 -5.78 5.67
N GLU A 212 -32.18 -7.08 5.36
CA GLU A 212 -33.17 -8.06 5.82
C GLU A 212 -33.04 -8.37 7.32
N HIS A 213 -31.81 -8.30 7.83
CA HIS A 213 -31.53 -8.44 9.26
C HIS A 213 -31.89 -7.19 10.08
N GLY A 214 -32.43 -6.17 9.40
CA GLY A 214 -32.95 -4.96 10.05
C GLY A 214 -31.98 -3.83 10.38
N ASP A 215 -30.82 -3.82 9.72
CA ASP A 215 -29.84 -2.75 9.92
C ASP A 215 -29.62 -1.97 8.62
N ILE A 216 -30.55 -1.07 8.33
CA ILE A 216 -30.49 -0.31 7.08
C ILE A 216 -29.32 0.69 7.03
N LYS A 217 -28.71 0.96 8.18
CA LYS A 217 -27.50 1.81 8.23
C LYS A 217 -26.31 1.04 7.72
N LEU A 218 -26.22 -0.25 8.09
CA LEU A 218 -25.14 -1.12 7.66
C LEU A 218 -25.34 -1.58 6.21
N ALA A 219 -26.61 -1.62 5.80
CA ALA A 219 -26.97 -1.96 4.42
C ALA A 219 -26.46 -0.86 3.50
N GLN A 220 -26.66 0.40 3.89
CA GLN A 220 -26.12 1.57 3.17
C GLN A 220 -24.61 1.47 3.06
N ILE A 221 -23.95 1.18 4.20
CA ILE A 221 -22.49 1.06 4.27
C ILE A 221 -21.94 0.13 3.17
N CYS A 222 -22.55 -1.04 3.04
CA CYS A 222 -22.12 -2.02 2.05
C CYS A 222 -22.56 -1.60 0.65
N GLY A 223 -23.76 -1.06 0.56
CA GLY A 223 -24.32 -0.61 -0.71
C GLY A 223 -23.51 0.51 -1.32
N THR A 224 -22.85 1.29 -0.46
CA THR A 224 -22.04 2.41 -0.90
C THR A 224 -20.71 1.92 -1.46
N ILE A 225 -20.06 1.00 -0.75
CA ILE A 225 -18.83 0.37 -1.25
C ILE A 225 -19.09 -0.23 -2.63
N ALA A 226 -20.20 -0.94 -2.77
CA ALA A 226 -20.63 -1.49 -4.06
C ALA A 226 -20.69 -0.43 -5.16
N ALA A 227 -21.22 0.75 -4.83
CA ALA A 227 -21.28 1.85 -5.79
C ALA A 227 -19.89 2.21 -6.28
N ASP A 228 -18.94 2.24 -5.36
CA ASP A 228 -17.57 2.56 -5.69
C ASP A 228 -17.01 1.48 -6.58
N GLU A 229 -17.25 0.23 -6.20
CA GLU A 229 -16.63 -0.91 -6.88
C GLU A 229 -17.10 -1.00 -8.32
N LYS A 230 -18.35 -0.60 -8.58
CA LYS A 230 -18.85 -0.59 -9.95
C LYS A 230 -18.09 0.42 -10.77
N ARG A 231 -17.85 1.59 -10.17
CA ARG A 231 -17.08 2.61 -10.85
C ARG A 231 -15.69 2.10 -11.26
N HIS A 232 -14.99 1.43 -10.35
CA HIS A 232 -13.70 0.84 -10.68
C HIS A 232 -13.84 -0.24 -11.76
N GLU A 233 -14.81 -1.12 -11.57
CA GLU A 233 -15.08 -2.17 -12.53
C GLU A 233 -15.26 -1.58 -13.92
N THR A 234 -16.00 -0.47 -14.01
CA THR A 234 -16.22 0.18 -15.29
C THR A 234 -14.89 0.57 -15.93
N ALA A 235 -14.04 1.24 -15.16
CA ALA A 235 -12.80 1.74 -15.68
C ALA A 235 -11.83 0.62 -16.07
N TYR A 236 -11.88 -0.51 -15.36
CA TYR A 236 -10.97 -1.61 -15.72
C TYR A 236 -11.40 -2.36 -16.97
N THR A 237 -12.70 -2.65 -17.05
CA THR A 237 -13.26 -3.30 -18.22
C THR A 237 -13.05 -2.42 -19.44
N LYS A 238 -12.99 -1.11 -19.20
CA LYS A 238 -12.82 -0.14 -20.27
C LYS A 238 -11.39 -0.17 -20.85
N ILE A 239 -10.38 -0.33 -19.99
CA ILE A 239 -8.99 -0.55 -20.46
C ILE A 239 -8.94 -1.82 -21.30
N VAL A 240 -9.43 -2.90 -20.73
CA VAL A 240 -9.31 -4.20 -21.37
C VAL A 240 -10.04 -4.21 -22.70
N GLU A 241 -11.20 -3.54 -22.77
CA GLU A 241 -11.93 -3.37 -24.03
C GLU A 241 -11.03 -2.76 -25.10
N LYS A 242 -10.22 -1.78 -24.69
CA LYS A 242 -9.29 -1.12 -25.58
C LYS A 242 -8.24 -2.10 -26.04
N LEU A 243 -7.79 -2.96 -25.14
CA LEU A 243 -6.76 -3.92 -25.51
C LEU A 243 -7.25 -4.99 -26.48
N PHE A 244 -8.54 -5.31 -26.45
CA PHE A 244 -9.16 -6.22 -27.42
C PHE A 244 -9.24 -5.54 -28.78
N GLU A 245 -9.55 -4.24 -28.74
CA GLU A 245 -9.67 -3.42 -29.95
C GLU A 245 -8.32 -3.20 -30.62
N ILE A 246 -7.26 -3.24 -29.82
CA ILE A 246 -5.91 -3.00 -30.34
C ILE A 246 -5.12 -4.30 -30.54
N ASP A 247 -5.24 -5.22 -29.60
CA ASP A 247 -4.53 -6.49 -29.69
C ASP A 247 -5.51 -7.63 -29.40
N PRO A 248 -6.41 -7.91 -30.36
CA PRO A 248 -7.44 -8.92 -30.14
C PRO A 248 -6.86 -10.28 -29.80
N ASP A 249 -5.69 -10.60 -30.36
CA ASP A 249 -5.07 -11.88 -30.10
C ASP A 249 -4.49 -11.97 -28.69
N GLY A 250 -3.57 -11.06 -28.38
CA GLY A 250 -2.87 -11.08 -27.10
C GLY A 250 -3.83 -11.03 -25.94
N THR A 251 -4.86 -10.21 -26.06
CA THR A 251 -5.83 -10.01 -25.00
C THR A 251 -6.59 -11.29 -24.70
N VAL A 252 -7.18 -11.90 -25.73
CA VAL A 252 -7.87 -13.20 -25.61
C VAL A 252 -6.99 -14.28 -24.97
N LEU A 253 -5.82 -14.47 -25.53
CA LEU A 253 -4.86 -15.43 -25.02
C LEU A 253 -4.66 -15.22 -23.51
N ALA A 254 -4.46 -13.97 -23.11
CA ALA A 254 -4.27 -13.59 -21.71
C ALA A 254 -5.53 -13.88 -20.90
N PHE A 255 -6.67 -13.48 -21.43
CA PHE A 255 -7.97 -13.68 -20.81
C PHE A 255 -8.16 -15.14 -20.49
N ALA A 256 -7.82 -16.00 -21.46
CA ALA A 256 -7.90 -17.45 -21.31
C ALA A 256 -6.90 -17.92 -20.26
N ASP A 257 -5.67 -17.41 -20.38
CA ASP A 257 -4.59 -17.74 -19.45
C ASP A 257 -4.99 -17.51 -17.99
N MET A 258 -5.65 -16.38 -17.72
CA MET A 258 -6.13 -16.06 -16.37
C MET A 258 -7.16 -17.04 -15.84
N MET A 259 -8.07 -17.48 -16.71
CA MET A 259 -9.17 -18.33 -16.28
C MET A 259 -8.70 -19.73 -15.99
N ARG A 260 -7.70 -20.18 -16.74
CA ARG A 260 -7.10 -21.49 -16.51
C ARG A 260 -6.41 -21.55 -15.15
N LYS A 261 -5.63 -20.51 -14.86
CA LYS A 261 -5.03 -20.33 -13.54
C LYS A 261 -6.10 -20.21 -12.47
N LYS A 262 -7.25 -19.66 -12.86
CA LYS A 262 -8.35 -19.35 -11.96
C LYS A 262 -7.99 -18.14 -11.13
N ILE A 263 -8.92 -17.19 -11.07
CA ILE A 263 -8.73 -15.96 -10.30
C ILE A 263 -8.62 -16.32 -8.83
N SER A 264 -7.39 -16.38 -8.32
CA SER A 264 -7.17 -16.59 -6.90
C SER A 264 -7.42 -15.27 -6.18
N MET A 265 -8.44 -15.29 -5.31
CA MET A 265 -8.86 -14.14 -4.51
C MET A 265 -7.73 -13.61 -3.64
N PRO A 266 -7.61 -12.27 -3.57
CA PRO A 266 -6.39 -11.60 -3.11
C PRO A 266 -6.04 -11.89 -1.64
N ALA A 267 -7.07 -12.22 -0.86
CA ALA A 267 -6.92 -12.53 0.55
C ALA A 267 -6.80 -14.05 0.83
N HIS A 268 -6.30 -14.81 -0.14
CA HIS A 268 -6.34 -16.28 -0.04
C HIS A 268 -5.24 -16.93 0.81
N LEU A 269 -4.32 -16.12 1.35
CA LEU A 269 -3.27 -16.65 2.22
C LEU A 269 -3.54 -16.20 3.65
N MET A 270 -4.83 -16.01 3.93
CA MET A 270 -5.31 -15.55 5.22
C MET A 270 -4.81 -16.49 6.33
N TYR A 271 -4.38 -15.91 7.44
CA TYR A 271 -3.89 -16.69 8.58
C TYR A 271 -4.11 -15.95 9.90
N ASP A 272 -4.63 -16.66 10.90
CA ASP A 272 -4.83 -16.07 12.23
C ASP A 272 -3.89 -16.67 13.29
N GLY A 273 -3.04 -17.61 12.88
CA GLY A 273 -2.13 -18.28 13.80
C GLY A 273 -2.73 -19.52 14.42
N ARG A 274 -3.96 -19.83 14.03
CA ARG A 274 -4.67 -21.00 14.54
C ARG A 274 -5.21 -21.86 13.40
N ASP A 275 -5.91 -21.22 12.46
CA ASP A 275 -6.51 -21.91 11.33
C ASP A 275 -5.60 -21.92 10.09
N ASP A 276 -5.20 -23.11 9.66
CA ASP A 276 -4.27 -23.25 8.54
C ASP A 276 -4.92 -23.06 7.18
N ASN A 277 -6.22 -23.33 7.07
CA ASN A 277 -6.96 -23.08 5.83
C ASN A 277 -8.02 -22.05 6.08
N LEU A 278 -7.66 -20.98 6.78
CA LEU A 278 -8.64 -20.00 7.23
C LEU A 278 -9.45 -19.40 6.09
N PHE A 279 -8.81 -19.18 4.95
CA PHE A 279 -9.51 -18.61 3.78
C PHE A 279 -10.61 -19.53 3.31
N ASP A 280 -10.28 -20.79 3.05
CA ASP A 280 -11.25 -21.76 2.60
C ASP A 280 -12.46 -21.80 3.53
N HIS A 281 -12.21 -21.77 4.83
CA HIS A 281 -13.30 -21.85 5.82
C HIS A 281 -14.17 -20.60 5.78
N PHE A 282 -13.51 -19.45 5.64
CA PHE A 282 -14.20 -18.17 5.46
C PHE A 282 -15.04 -18.17 4.19
N SER A 283 -14.44 -18.57 3.06
CA SER A 283 -15.17 -18.71 1.79
C SER A 283 -16.36 -19.65 1.89
N ALA A 284 -16.13 -20.84 2.44
CA ALA A 284 -17.20 -21.82 2.63
C ALA A 284 -18.43 -21.19 3.28
N VAL A 285 -18.21 -20.29 4.23
CA VAL A 285 -19.31 -19.62 4.95
C VAL A 285 -19.98 -18.56 4.06
N ALA A 286 -19.20 -17.95 3.18
CA ALA A 286 -19.74 -16.97 2.24
C ALA A 286 -20.48 -17.68 1.14
N GLN A 287 -19.95 -18.84 0.76
CA GLN A 287 -20.59 -19.76 -0.16
C GLN A 287 -21.97 -20.15 0.39
N ARG A 288 -22.02 -20.61 1.64
CA ARG A 288 -23.25 -21.07 2.28
C ARG A 288 -24.27 -19.96 2.50
N LEU A 289 -23.81 -18.75 2.84
CA LEU A 289 -24.70 -17.61 3.03
C LEU A 289 -25.15 -17.02 1.72
N GLY A 290 -24.57 -17.49 0.62
CA GLY A 290 -24.90 -16.98 -0.70
C GLY A 290 -24.38 -15.57 -0.93
N VAL A 291 -23.30 -15.19 -0.25
CA VAL A 291 -22.69 -13.87 -0.42
C VAL A 291 -21.82 -13.83 -1.67
N TYR A 292 -21.02 -14.88 -1.86
CA TYR A 292 -20.25 -15.06 -3.06
C TYR A 292 -20.12 -16.54 -3.30
N THR A 293 -20.79 -17.01 -4.35
CA THR A 293 -20.84 -18.43 -4.65
C THR A 293 -20.00 -18.77 -5.87
N ALA A 294 -19.87 -20.06 -6.15
CA ALA A 294 -19.24 -20.52 -7.36
C ALA A 294 -20.11 -20.14 -8.55
N LYS A 295 -21.43 -20.12 -8.35
CA LYS A 295 -22.37 -19.70 -9.38
C LYS A 295 -22.13 -18.26 -9.83
N ASP A 296 -21.65 -17.43 -8.91
CA ASP A 296 -21.35 -16.02 -9.18
C ASP A 296 -20.09 -15.89 -10.00
N TYR A 297 -19.03 -16.60 -9.57
CA TYR A 297 -17.77 -16.68 -10.31
C TYR A 297 -18.04 -16.94 -11.79
N ALA A 298 -19.00 -17.82 -12.09
CA ALA A 298 -19.43 -18.05 -13.45
C ALA A 298 -20.03 -16.78 -14.08
N ASP A 299 -21.04 -16.19 -13.43
CA ASP A 299 -21.72 -14.98 -13.93
C ASP A 299 -20.77 -13.80 -14.09
N ILE A 300 -19.72 -13.78 -13.27
CA ILE A 300 -18.73 -12.74 -13.39
C ILE A 300 -17.95 -12.95 -14.68
N LEU A 301 -17.58 -14.20 -14.94
CA LEU A 301 -16.81 -14.53 -16.13
C LEU A 301 -17.62 -14.28 -17.39
N GLU A 302 -18.84 -14.78 -17.37
CA GLU A 302 -19.77 -14.65 -18.47
C GLU A 302 -20.11 -13.20 -18.78
N PHE A 303 -20.22 -12.37 -17.74
CA PHE A 303 -20.48 -10.95 -17.93
C PHE A 303 -19.41 -10.32 -18.80
N LEU A 304 -18.15 -10.65 -18.48
CA LEU A 304 -16.99 -10.11 -19.16
C LEU A 304 -16.96 -10.52 -20.61
N VAL A 305 -17.20 -11.80 -20.85
CA VAL A 305 -17.25 -12.33 -22.22
C VAL A 305 -18.27 -11.59 -23.08
N GLY A 306 -19.34 -11.12 -22.46
CA GLY A 306 -20.33 -10.29 -23.14
C GLY A 306 -19.87 -8.86 -23.26
N ARG A 307 -19.32 -8.33 -22.17
CA ARG A 307 -18.86 -6.94 -22.10
C ARG A 307 -17.80 -6.64 -23.15
N TRP A 308 -16.79 -7.50 -23.23
CA TRP A 308 -15.69 -7.33 -24.20
C TRP A 308 -15.96 -7.91 -25.60
N LYS A 309 -17.11 -8.54 -25.79
CA LYS A 309 -17.50 -9.13 -27.07
C LYS A 309 -16.47 -10.15 -27.55
N VAL A 310 -16.04 -11.04 -26.65
CA VAL A 310 -15.08 -12.08 -26.97
C VAL A 310 -15.64 -13.02 -28.03
N ASP A 311 -16.96 -13.24 -28.01
CA ASP A 311 -17.60 -14.10 -29.00
C ASP A 311 -17.53 -13.52 -30.41
N LYS A 312 -17.49 -12.19 -30.53
CA LYS A 312 -17.58 -11.55 -31.83
C LYS A 312 -16.24 -11.12 -32.41
N LEU A 313 -15.16 -11.46 -31.72
CA LEU A 313 -13.80 -11.15 -32.20
C LEU A 313 -13.51 -11.80 -33.53
N THR A 314 -12.83 -11.06 -34.40
CA THR A 314 -12.47 -11.57 -35.72
C THR A 314 -10.94 -11.61 -35.93
N GLY A 315 -10.49 -12.64 -36.66
CA GLY A 315 -9.10 -12.76 -37.08
C GLY A 315 -8.11 -13.00 -35.96
N LEU A 316 -8.29 -14.09 -35.24
CA LEU A 316 -7.35 -14.48 -34.21
C LEU A 316 -6.44 -15.57 -34.77
N SER A 317 -5.38 -15.88 -34.04
CA SER A 317 -4.40 -16.87 -34.46
C SER A 317 -4.88 -18.30 -34.26
N ALA A 318 -3.98 -19.24 -34.55
CA ALA A 318 -4.26 -20.68 -34.48
C ALA A 318 -4.66 -21.17 -33.09
N GLU A 319 -3.98 -20.65 -32.07
CA GLU A 319 -4.31 -20.97 -30.68
C GLU A 319 -4.98 -19.79 -29.99
N GLY A 320 -5.17 -18.70 -30.76
CA GLY A 320 -6.02 -17.58 -30.33
C GLY A 320 -7.48 -18.00 -30.27
N GLN A 321 -7.93 -18.71 -31.32
CA GLN A 321 -9.27 -19.28 -31.39
C GLN A 321 -9.51 -20.33 -30.31
N LYS A 322 -8.55 -21.24 -30.14
CA LYS A 322 -8.64 -22.24 -29.08
C LYS A 322 -8.89 -21.56 -27.74
N ALA A 323 -8.20 -20.45 -27.50
CA ALA A 323 -8.31 -19.68 -26.26
C ALA A 323 -9.67 -18.99 -26.12
N GLN A 324 -10.19 -18.48 -27.22
CA GLN A 324 -11.47 -17.77 -27.24
C GLN A 324 -12.62 -18.72 -26.98
N ASP A 325 -12.62 -19.82 -27.73
CA ASP A 325 -13.61 -20.86 -27.57
C ASP A 325 -13.65 -21.36 -26.13
N TYR A 326 -12.47 -21.50 -25.52
CA TYR A 326 -12.35 -21.99 -24.15
C TYR A 326 -13.07 -21.08 -23.17
N VAL A 327 -12.88 -19.79 -23.34
CA VAL A 327 -13.45 -18.81 -22.45
C VAL A 327 -14.96 -18.76 -22.56
N CYS A 328 -15.48 -18.72 -23.78
CA CYS A 328 -16.92 -18.65 -24.00
C CYS A 328 -17.74 -19.79 -23.40
N ARG A 329 -17.22 -21.01 -23.49
CA ARG A 329 -17.92 -22.20 -23.02
C ARG A 329 -17.63 -22.53 -21.56
N LEU A 330 -16.85 -21.70 -20.91
CA LEU A 330 -16.47 -21.94 -19.54
C LEU A 330 -17.60 -21.65 -18.54
N PRO A 331 -18.40 -20.57 -18.74
CA PRO A 331 -19.45 -20.31 -17.77
C PRO A 331 -20.47 -21.45 -17.60
N PRO A 332 -21.10 -21.92 -18.69
CA PRO A 332 -22.06 -23.00 -18.47
C PRO A 332 -21.40 -24.25 -17.94
N ARG A 333 -20.10 -24.38 -18.14
CA ARG A 333 -19.36 -25.57 -17.78
C ARG A 333 -19.18 -25.64 -16.27
N ILE A 334 -18.83 -24.51 -15.68
CA ILE A 334 -18.69 -24.36 -14.23
C ILE A 334 -20.03 -24.59 -13.54
N ARG A 335 -21.06 -23.88 -13.98
CA ARG A 335 -22.40 -23.98 -13.41
C ARG A 335 -22.93 -25.42 -13.27
N ARG A 336 -22.51 -26.32 -14.16
CA ARG A 336 -22.93 -27.73 -14.10
C ARG A 336 -22.12 -28.46 -13.06
N LEU A 337 -20.81 -28.27 -13.14
CA LEU A 337 -19.91 -28.85 -12.18
C LEU A 337 -20.33 -28.39 -10.77
N GLU A 338 -20.74 -27.13 -10.67
CA GLU A 338 -21.26 -26.52 -9.44
C GLU A 338 -22.49 -27.26 -8.91
N GLU A 339 -23.56 -27.26 -9.71
CA GLU A 339 -24.82 -27.96 -9.38
C GLU A 339 -24.59 -29.40 -8.92
N ARG A 340 -23.63 -30.06 -9.55
CA ARG A 340 -23.26 -31.43 -9.22
C ARG A 340 -22.74 -31.50 -7.80
N ALA A 341 -21.75 -30.66 -7.50
CA ALA A 341 -21.12 -30.63 -6.19
C ALA A 341 -22.14 -30.45 -5.04
N GLN A 342 -23.17 -29.64 -5.27
CA GLN A 342 -24.23 -29.39 -4.29
C GLN A 342 -25.01 -30.65 -3.98
N GLY A 343 -25.27 -31.44 -5.00
CA GLY A 343 -25.97 -32.72 -4.86
C GLY A 343 -25.19 -33.72 -4.04
N ARG A 344 -23.93 -33.94 -4.43
CA ARG A 344 -23.04 -34.88 -3.73
C ARG A 344 -22.47 -34.30 -2.42
N ALA A 345 -22.67 -33.00 -2.20
CA ALA A 345 -22.14 -32.26 -1.04
C ALA A 345 -22.56 -32.83 0.31
N LYS A 346 -21.58 -33.06 1.18
CA LYS A 346 -21.86 -33.66 2.49
C LYS A 346 -22.32 -32.59 3.48
N GLU A 347 -22.91 -33.05 4.59
CA GLU A 347 -23.34 -32.15 5.66
C GLU A 347 -22.18 -31.28 6.11
N ALA A 348 -22.40 -29.97 6.13
CA ALA A 348 -21.34 -29.03 6.52
C ALA A 348 -21.06 -29.07 8.02
N PRO A 349 -19.77 -29.12 8.39
CA PRO A 349 -19.42 -29.17 9.81
C PRO A 349 -19.48 -27.80 10.43
N THR A 350 -19.53 -27.74 11.76
CA THR A 350 -19.46 -26.49 12.47
C THR A 350 -18.01 -26.24 12.92
N MET A 351 -17.61 -24.98 13.01
CA MET A 351 -16.22 -24.65 13.28
C MET A 351 -16.07 -23.34 14.06
N PRO A 352 -15.03 -23.25 14.94
CA PRO A 352 -14.75 -22.01 15.66
C PRO A 352 -13.96 -21.04 14.81
N PHE A 353 -14.15 -19.75 15.05
CA PHE A 353 -13.43 -18.69 14.35
C PHE A 353 -12.87 -17.70 15.34
N SER A 354 -11.56 -17.55 15.35
CA SER A 354 -10.87 -16.69 16.29
C SER A 354 -11.29 -15.22 16.16
N TRP A 355 -11.84 -14.87 15.00
CA TRP A 355 -12.36 -13.51 14.79
C TRP A 355 -13.57 -13.22 15.67
N ILE A 356 -14.34 -14.27 15.97
CA ILE A 356 -15.51 -14.14 16.84
C ILE A 356 -15.31 -14.90 18.16
N PHE A 357 -14.13 -14.75 18.75
CA PHE A 357 -13.82 -15.35 20.04
C PHE A 357 -14.05 -16.87 20.11
N ASP A 358 -13.77 -17.54 19.00
CA ASP A 358 -13.97 -19.00 18.85
C ASP A 358 -15.42 -19.49 18.92
N ARG A 359 -16.38 -18.57 18.92
CA ARG A 359 -17.78 -18.95 18.76
C ARG A 359 -17.90 -19.67 17.43
N GLN A 360 -18.85 -20.59 17.28
CA GLN A 360 -18.87 -21.44 16.09
C GLN A 360 -19.92 -21.08 15.05
N VAL A 361 -19.61 -21.35 13.78
CA VAL A 361 -20.54 -21.17 12.65
C VAL A 361 -20.45 -22.36 11.68
N LYS A 362 -21.38 -22.44 10.74
CA LYS A 362 -21.45 -23.59 9.84
C LYS A 362 -20.73 -23.34 8.51
N LEU A 363 -19.92 -24.31 8.07
CA LEU A 363 -19.16 -24.18 6.83
C LEU A 363 -19.87 -24.81 5.63
N LYS B 16 -8.50 24.41 -11.69
CA LYS B 16 -8.96 23.48 -10.67
C LYS B 16 -9.21 24.18 -9.34
N PRO B 17 -10.47 24.26 -8.95
CA PRO B 17 -10.85 24.91 -7.69
C PRO B 17 -10.23 24.21 -6.47
N PHE B 18 -10.23 22.88 -6.51
CA PHE B 18 -9.67 22.10 -5.40
C PHE B 18 -8.48 21.28 -5.87
N MET B 19 -7.30 21.91 -5.91
CA MET B 19 -6.08 21.24 -6.33
C MET B 19 -5.12 20.98 -5.16
N PRO B 20 -4.60 19.76 -5.05
CA PRO B 20 -3.54 19.50 -4.06
C PRO B 20 -2.19 20.10 -4.50
N PRO B 21 -1.22 20.22 -3.58
CA PRO B 21 0.16 20.56 -3.99
C PRO B 21 0.89 19.38 -4.68
N ARG B 22 1.39 19.64 -5.89
CA ARG B 22 2.19 18.68 -6.64
C ARG B 22 3.68 18.88 -6.36
N GLU B 23 4.49 17.83 -6.56
CA GLU B 23 5.96 17.93 -6.47
C GLU B 23 6.53 18.91 -7.54
N VAL B 24 7.42 19.81 -7.11
CA VAL B 24 7.89 20.92 -7.97
C VAL B 24 9.32 20.75 -8.47
N HIS B 25 9.58 19.66 -9.16
CA HIS B 25 10.92 19.32 -9.65
C HIS B 25 10.79 18.17 -10.64
N VAL B 26 11.59 18.21 -11.70
CA VAL B 26 11.61 17.14 -12.71
C VAL B 26 12.00 15.82 -12.08
N GLN B 27 11.20 14.79 -12.36
CA GLN B 27 11.38 13.51 -11.70
C GLN B 27 12.54 12.75 -12.36
N VAL B 28 13.51 12.33 -11.55
CA VAL B 28 14.64 11.54 -12.03
C VAL B 28 14.44 10.08 -11.63
N THR B 29 14.72 9.17 -12.57
CA THR B 29 14.53 7.74 -12.32
C THR B 29 15.76 6.94 -12.71
N HIS B 30 16.02 5.87 -11.96
CA HIS B 30 17.07 4.90 -12.27
C HIS B 30 18.44 5.55 -12.37
N SER B 31 18.78 6.36 -11.38
CA SER B 31 20.06 7.07 -11.36
C SER B 31 21.18 6.09 -11.05
N MET B 32 20.83 5.00 -10.34
CA MET B 32 21.79 3.95 -10.03
C MET B 32 22.18 3.19 -11.30
N PRO B 33 23.49 2.93 -11.49
CA PRO B 33 23.94 2.19 -12.67
C PRO B 33 23.49 0.74 -12.60
N PRO B 34 22.74 0.27 -13.63
CA PRO B 34 22.12 -1.05 -13.70
C PRO B 34 23.01 -2.23 -13.26
N GLN B 35 24.32 -2.09 -13.39
CA GLN B 35 25.26 -3.15 -12.97
C GLN B 35 25.09 -3.49 -11.50
N LYS B 36 24.82 -2.45 -10.69
CA LYS B 36 24.85 -2.55 -9.25
C LYS B 36 23.67 -3.31 -8.66
N ILE B 37 22.70 -3.64 -9.51
CA ILE B 37 21.54 -4.47 -9.09
C ILE B 37 22.05 -5.79 -8.51
N GLU B 38 23.13 -6.31 -9.10
CA GLU B 38 23.78 -7.52 -8.64
C GLU B 38 24.12 -7.47 -7.16
N ILE B 39 24.75 -6.39 -6.72
CA ILE B 39 25.12 -6.24 -5.31
C ILE B 39 24.02 -6.81 -4.42
N PHE B 40 22.78 -6.43 -4.71
CA PHE B 40 21.66 -6.79 -3.86
C PHE B 40 21.22 -8.24 -3.98
N LYS B 41 21.37 -8.80 -5.17
CA LYS B 41 21.13 -10.23 -5.39
C LYS B 41 22.13 -11.05 -4.56
N SER B 42 23.37 -10.56 -4.52
CA SER B 42 24.45 -11.19 -3.77
C SER B 42 24.21 -11.09 -2.27
N LEU B 43 23.50 -10.04 -1.87
CA LEU B 43 23.25 -9.79 -0.46
C LEU B 43 21.90 -10.32 -0.02
N ASP B 44 21.28 -11.16 -0.85
CA ASP B 44 19.96 -11.67 -0.49
C ASP B 44 20.07 -12.50 0.78
N ASN B 45 21.04 -13.40 0.80
CA ASN B 45 21.24 -14.28 1.94
C ASN B 45 21.83 -13.56 3.14
N TRP B 46 22.44 -12.40 2.90
CA TRP B 46 22.92 -11.57 3.99
C TRP B 46 21.75 -10.92 4.73
N ALA B 47 20.75 -10.48 3.98
CA ALA B 47 19.61 -9.78 4.55
C ALA B 47 18.84 -10.71 5.45
N GLU B 48 18.66 -11.95 5.02
CA GLU B 48 17.99 -12.94 5.82
C GLU B 48 18.65 -13.04 7.20
N GLU B 49 19.97 -12.94 7.22
CA GLU B 49 20.76 -13.21 8.41
C GLU B 49 20.85 -12.00 9.34
N ASN B 50 20.90 -10.80 8.77
CA ASN B 50 21.15 -9.57 9.56
C ASN B 50 20.02 -8.54 9.59
N ILE B 51 19.03 -8.70 8.73
CA ILE B 51 18.00 -7.68 8.58
C ILE B 51 16.66 -8.22 9.06
N LEU B 52 16.27 -9.37 8.53
CA LEU B 52 14.99 -9.97 8.88
C LEU B 52 14.82 -10.28 10.38
N VAL B 53 15.94 -10.44 11.09
CA VAL B 53 15.93 -10.67 12.54
C VAL B 53 15.43 -9.46 13.33
N HIS B 54 15.39 -8.30 12.68
CA HIS B 54 14.81 -7.08 13.25
C HIS B 54 13.28 -6.98 13.13
N LEU B 55 12.68 -8.01 12.55
CA LEU B 55 11.24 -8.15 12.49
C LEU B 55 10.78 -8.89 13.73
N LYS B 56 9.71 -8.37 14.34
CA LYS B 56 9.08 -9.00 15.48
C LYS B 56 8.10 -10.03 14.94
N PRO B 57 8.34 -11.33 15.23
CA PRO B 57 7.37 -12.37 14.88
C PRO B 57 5.92 -11.94 15.17
N VAL B 58 5.04 -12.10 14.19
CA VAL B 58 3.67 -11.60 14.28
C VAL B 58 2.98 -11.97 15.59
N GLU B 59 3.23 -13.18 16.08
CA GLU B 59 2.58 -13.67 17.31
C GLU B 59 2.90 -12.88 18.56
N LYS B 60 4.09 -12.29 18.59
CA LYS B 60 4.55 -11.52 19.74
C LYS B 60 4.28 -10.03 19.59
N CYS B 61 3.67 -9.62 18.48
CA CYS B 61 3.41 -8.20 18.24
C CYS B 61 2.22 -7.69 19.04
N TRP B 62 2.29 -6.43 19.44
CA TRP B 62 1.15 -5.74 20.04
C TRP B 62 0.13 -5.49 18.93
N GLN B 63 -1.11 -5.21 19.29
CA GLN B 63 -2.11 -4.85 18.28
C GLN B 63 -2.91 -3.64 18.76
N PRO B 64 -3.40 -2.81 17.82
CA PRO B 64 -4.19 -1.67 18.24
C PRO B 64 -5.08 -2.02 19.42
N GLN B 65 -5.82 -3.12 19.34
CA GLN B 65 -6.79 -3.48 20.37
C GLN B 65 -6.20 -3.46 21.77
N ASP B 66 -4.92 -3.80 21.90
CA ASP B 66 -4.22 -3.82 23.19
C ASP B 66 -4.25 -2.50 23.93
N PHE B 67 -4.24 -1.40 23.18
CA PHE B 67 -4.17 -0.06 23.76
C PHE B 67 -5.49 0.69 23.87
N LEU B 68 -6.48 0.27 23.10
CA LEU B 68 -7.75 0.95 23.06
C LEU B 68 -8.75 0.29 24.01
N PRO B 69 -9.89 0.94 24.25
CA PRO B 69 -11.02 0.33 24.96
C PRO B 69 -11.48 -0.99 24.34
N ASP B 70 -11.71 -1.99 25.19
CA ASP B 70 -12.15 -3.32 24.76
C ASP B 70 -13.68 -3.34 24.52
N PRO B 71 -14.09 -3.36 23.24
CA PRO B 71 -15.50 -3.29 22.92
C PRO B 71 -16.26 -4.56 23.31
N ALA B 72 -15.54 -5.64 23.61
CA ALA B 72 -16.14 -6.93 23.91
C ALA B 72 -16.53 -7.08 25.38
N SER B 73 -16.05 -6.18 26.24
CA SER B 73 -16.33 -6.24 27.70
C SER B 73 -17.33 -5.19 28.18
N ASP B 74 -17.97 -5.47 29.31
CA ASP B 74 -18.91 -4.53 29.93
C ASP B 74 -18.27 -3.17 30.21
N GLY B 75 -16.99 -3.19 30.57
CA GLY B 75 -16.27 -1.99 30.95
C GLY B 75 -16.08 -1.00 29.83
N PHE B 76 -16.50 -1.38 28.63
CA PHE B 76 -16.29 -0.56 27.43
C PHE B 76 -16.79 0.87 27.59
N ASP B 77 -18.01 1.03 28.09
CA ASP B 77 -18.62 2.35 28.26
C ASP B 77 -17.80 3.32 29.11
N GLU B 78 -17.35 2.86 30.28
CA GLU B 78 -16.46 3.68 31.10
C GLU B 78 -15.12 3.93 30.40
N GLN B 79 -14.52 2.88 29.85
CA GLN B 79 -13.22 2.95 29.18
C GLN B 79 -13.14 4.08 28.15
N VAL B 80 -14.13 4.11 27.25
CA VAL B 80 -14.26 5.19 26.26
C VAL B 80 -14.42 6.54 26.96
N ARG B 81 -15.35 6.58 27.93
CA ARG B 81 -15.69 7.78 28.69
C ARG B 81 -14.48 8.45 29.30
N GLU B 82 -13.54 7.65 29.82
CA GLU B 82 -12.28 8.14 30.42
C GLU B 82 -11.34 8.64 29.35
N LEU B 83 -11.18 7.83 28.30
CA LEU B 83 -10.42 8.23 27.15
C LEU B 83 -10.79 9.65 26.74
N ARG B 84 -12.09 9.94 26.75
CA ARG B 84 -12.62 11.24 26.31
C ARG B 84 -12.37 12.32 27.35
N GLU B 85 -12.48 11.94 28.63
CA GLU B 85 -12.25 12.88 29.73
C GLU B 85 -10.79 13.30 29.84
N ARG B 86 -9.86 12.36 29.62
CA ARG B 86 -8.43 12.71 29.62
C ARG B 86 -8.07 13.50 28.37
N ALA B 87 -8.76 13.20 27.27
CA ALA B 87 -8.59 13.92 26.00
C ALA B 87 -9.04 15.38 26.06
N LYS B 88 -9.96 15.70 26.99
CA LYS B 88 -10.41 17.08 27.16
C LYS B 88 -9.25 17.99 27.57
N GLU B 89 -8.34 17.45 28.37
CA GLU B 89 -7.24 18.23 28.94
C GLU B 89 -6.09 18.47 27.97
N ILE B 90 -6.06 17.74 26.86
CA ILE B 90 -4.98 17.88 25.89
C ILE B 90 -5.22 19.07 24.96
N PRO B 91 -4.32 20.06 25.00
CA PRO B 91 -4.50 21.30 24.23
C PRO B 91 -4.54 21.03 22.74
N ASP B 92 -5.37 21.78 22.02
CA ASP B 92 -5.52 21.57 20.58
C ASP B 92 -4.20 21.51 19.82
N ASP B 93 -3.28 22.43 20.11
CA ASP B 93 -2.01 22.48 19.36
C ASP B 93 -1.29 21.15 19.36
N TYR B 94 -1.52 20.37 20.40
CA TYR B 94 -0.97 19.04 20.48
C TYR B 94 -1.74 18.13 19.54
N PHE B 95 -3.06 18.20 19.58
CA PHE B 95 -3.87 17.37 18.70
C PHE B 95 -3.55 17.55 17.24
N VAL B 96 -3.21 18.78 16.84
CA VAL B 96 -2.83 19.06 15.45
C VAL B 96 -1.64 18.21 15.03
N VAL B 97 -0.64 18.16 15.89
CA VAL B 97 0.58 17.39 15.69
C VAL B 97 0.31 15.88 15.76
N LEU B 98 -0.69 15.50 16.54
CA LEU B 98 -1.06 14.12 16.65
C LEU B 98 -1.79 13.68 15.37
N VAL B 99 -2.77 14.49 14.95
CA VAL B 99 -3.52 14.24 13.72
C VAL B 99 -2.54 14.21 12.56
N GLY B 100 -1.59 15.12 12.59
CA GLY B 100 -0.47 15.14 11.63
C GLY B 100 0.25 13.81 11.49
N ASP B 101 0.60 13.17 12.60
CA ASP B 101 1.19 11.83 12.52
C ASP B 101 0.19 10.86 11.95
N MET B 102 -1.02 10.85 12.50
CA MET B 102 -2.03 9.88 12.10
C MET B 102 -2.19 9.92 10.60
N ILE B 103 -2.26 11.11 10.04
CA ILE B 103 -2.38 11.26 8.60
C ILE B 103 -1.16 10.73 7.85
N THR B 104 0.03 11.08 8.32
CA THR B 104 1.26 10.58 7.73
C THR B 104 1.17 9.06 7.70
N GLU B 105 1.05 8.45 8.87
CA GLU B 105 1.01 7.00 9.03
C GLU B 105 -0.04 6.30 8.17
N GLU B 106 -1.20 6.94 7.98
CA GLU B 106 -2.32 6.31 7.30
C GLU B 106 -2.08 6.23 5.82
N ALA B 107 -1.10 6.99 5.31
CA ALA B 107 -0.73 7.00 3.89
C ALA B 107 0.32 5.93 3.58
N LEU B 108 0.33 4.88 4.40
CA LEU B 108 1.24 3.75 4.28
C LEU B 108 1.35 3.10 2.90
N PRO B 109 0.22 2.92 2.19
CA PRO B 109 0.36 2.31 0.87
C PRO B 109 1.53 2.92 0.06
N THR B 110 1.68 4.25 0.14
CA THR B 110 2.70 4.95 -0.61
C THR B 110 4.12 4.43 -0.32
N TYR B 111 4.41 4.21 0.95
CA TYR B 111 5.76 3.90 1.38
C TYR B 111 6.19 2.54 0.87
N GLN B 112 5.31 1.56 1.02
CA GLN B 112 5.52 0.25 0.39
C GLN B 112 5.70 0.41 -1.11
N THR B 113 4.78 1.14 -1.74
CA THR B 113 4.87 1.44 -3.16
C THR B 113 6.19 2.11 -3.52
N MET B 114 6.71 2.94 -2.61
CA MET B 114 8.00 3.60 -2.87
C MET B 114 9.14 2.62 -2.70
N LEU B 115 9.08 1.81 -1.65
CA LEU B 115 10.11 0.80 -1.44
C LEU B 115 10.13 -0.11 -2.62
N ASN B 116 8.99 -0.27 -3.27
CA ASN B 116 8.98 -1.17 -4.38
C ASN B 116 9.38 -0.51 -5.70
N THR B 117 9.77 0.75 -5.64
CA THR B 117 10.34 1.38 -6.84
C THR B 117 11.84 1.13 -6.89
N LEU B 118 12.44 0.83 -5.74
CA LEU B 118 13.89 0.64 -5.62
C LEU B 118 14.46 -0.53 -6.46
N ASP B 119 15.37 -0.22 -7.37
CA ASP B 119 15.85 -1.17 -8.38
C ASP B 119 16.16 -2.60 -7.89
N GLY B 120 17.14 -2.75 -7.01
CA GLY B 120 17.66 -4.09 -6.66
C GLY B 120 16.81 -4.91 -5.71
N VAL B 121 15.93 -4.23 -4.97
CA VAL B 121 15.19 -4.84 -3.86
C VAL B 121 13.67 -4.89 -4.00
N ARG B 122 13.15 -4.44 -5.15
CA ARG B 122 11.71 -4.30 -5.31
C ARG B 122 11.02 -5.64 -5.33
N ASP B 123 9.83 -5.71 -4.72
CA ASP B 123 9.00 -6.90 -4.72
C ASP B 123 8.45 -7.14 -6.14
N GLU B 124 9.05 -8.09 -6.82
CA GLU B 124 8.77 -8.29 -8.24
C GLU B 124 7.36 -8.79 -8.55
N THR B 125 6.71 -9.43 -7.57
CA THR B 125 5.43 -10.10 -7.81
C THR B 125 4.34 -9.78 -6.79
N GLY B 126 4.73 -9.21 -5.66
CA GLY B 126 3.78 -8.94 -4.59
C GLY B 126 3.78 -10.03 -3.54
N ALA B 127 4.51 -11.12 -3.82
CA ALA B 127 4.68 -12.23 -2.88
C ALA B 127 6.04 -12.88 -3.13
N SER B 128 7.00 -12.04 -3.50
CA SER B 128 8.35 -12.49 -3.88
C SER B 128 9.09 -12.99 -2.65
N PRO B 129 9.65 -14.22 -2.73
CA PRO B 129 10.32 -14.84 -1.58
C PRO B 129 11.75 -14.35 -1.34
N THR B 130 12.14 -13.25 -1.98
CA THR B 130 13.42 -12.59 -1.74
C THR B 130 13.41 -11.92 -0.37
N SER B 131 14.55 -11.92 0.30
CA SER B 131 14.69 -11.31 1.62
C SER B 131 14.28 -9.82 1.70
N TRP B 132 14.38 -9.11 0.59
CA TRP B 132 13.97 -7.71 0.54
C TRP B 132 12.46 -7.62 0.45
N ALA B 133 11.86 -8.42 -0.41
CA ALA B 133 10.41 -8.40 -0.56
C ALA B 133 9.75 -8.94 0.71
N ILE B 134 10.44 -9.86 1.38
CA ILE B 134 9.92 -10.37 2.65
C ILE B 134 9.95 -9.26 3.69
N TRP B 135 11.07 -8.52 3.73
CA TRP B 135 11.21 -7.38 4.62
C TRP B 135 10.17 -6.32 4.37
N THR B 136 10.07 -5.87 3.12
CA THR B 136 9.16 -4.80 2.72
C THR B 136 7.73 -5.06 3.18
N ARG B 137 7.23 -6.24 2.84
CA ARG B 137 5.88 -6.65 3.19
C ARG B 137 5.69 -6.79 4.70
N ALA B 138 6.66 -7.38 5.38
CA ALA B 138 6.56 -7.59 6.80
C ALA B 138 6.66 -6.27 7.55
N TRP B 139 7.48 -5.38 6.99
CA TRP B 139 7.66 -4.05 7.54
C TRP B 139 6.36 -3.27 7.38
N THR B 140 5.83 -3.25 6.16
CA THR B 140 4.53 -2.65 5.88
C THR B 140 3.45 -3.13 6.84
N ALA B 141 3.43 -4.44 7.12
CA ALA B 141 2.47 -5.00 8.07
C ALA B 141 2.58 -4.39 9.48
N GLU B 142 3.80 -4.15 9.95
CA GLU B 142 4.02 -3.59 11.28
C GLU B 142 3.59 -2.13 11.34
N GLU B 143 3.81 -1.42 10.23
CA GLU B 143 3.45 -0.01 10.14
C GLU B 143 1.94 0.24 10.11
N ASN B 144 1.20 -0.70 9.55
CA ASN B 144 -0.24 -0.55 9.39
C ASN B 144 -0.86 -0.34 10.76
N ARG B 145 -0.24 -0.91 11.78
CA ARG B 145 -0.78 -0.85 13.13
C ARG B 145 -0.74 0.56 13.69
N HIS B 146 0.31 1.31 13.34
CA HIS B 146 0.43 2.72 13.75
C HIS B 146 -0.81 3.48 13.29
N GLY B 147 -1.05 3.48 11.98
CA GLY B 147 -2.27 4.04 11.41
C GLY B 147 -3.55 3.65 12.14
N ASP B 148 -3.92 2.38 12.07
CA ASP B 148 -5.14 1.87 12.71
C ASP B 148 -5.30 2.35 14.15
N LEU B 149 -4.22 2.33 14.92
CA LEU B 149 -4.30 2.67 16.34
C LEU B 149 -4.51 4.15 16.61
N LEU B 150 -3.76 5.02 15.94
CA LEU B 150 -3.98 6.44 16.12
C LEU B 150 -5.35 6.82 15.58
N ASN B 151 -5.68 6.28 14.43
CA ASN B 151 -6.98 6.46 13.81
C ASN B 151 -8.16 6.19 14.76
N LYS B 152 -8.22 5.00 15.33
CA LYS B 152 -9.30 4.66 16.24
C LYS B 152 -9.29 5.56 17.47
N TYR B 153 -8.10 5.88 17.97
CA TYR B 153 -7.99 6.74 19.13
C TYR B 153 -8.45 8.15 18.85
N LEU B 154 -7.99 8.72 17.73
CA LEU B 154 -8.41 10.07 17.35
C LEU B 154 -9.90 10.13 17.09
N TYR B 155 -10.46 9.02 16.63
CA TYR B 155 -11.90 8.91 16.50
C TYR B 155 -12.62 8.97 17.85
N LEU B 156 -12.23 8.10 18.79
CA LEU B 156 -12.90 7.99 20.08
C LEU B 156 -12.85 9.27 20.90
N SER B 157 -11.73 9.98 20.83
CA SER B 157 -11.56 11.25 21.57
C SER B 157 -12.66 12.28 21.30
N GLY B 158 -13.09 12.39 20.06
CA GLY B 158 -14.10 13.36 19.67
C GLY B 158 -13.60 14.79 19.77
N ARG B 159 -12.30 14.95 19.65
CA ARG B 159 -11.70 16.27 19.73
C ARG B 159 -11.43 16.80 18.34
N VAL B 160 -11.52 15.92 17.33
CA VAL B 160 -11.14 16.26 15.96
C VAL B 160 -12.21 15.93 14.90
N ASP B 161 -12.27 16.76 13.86
CA ASP B 161 -13.18 16.60 12.74
C ASP B 161 -12.73 15.45 11.89
N MET B 162 -13.19 14.24 12.21
CA MET B 162 -12.74 13.04 11.54
C MET B 162 -13.01 13.02 10.04
N ARG B 163 -14.08 13.66 9.61
CA ARG B 163 -14.37 13.78 8.19
C ARG B 163 -13.26 14.50 7.44
N GLN B 164 -12.77 15.59 8.02
CA GLN B 164 -11.70 16.40 7.41
C GLN B 164 -10.39 15.65 7.34
N ILE B 165 -10.08 14.94 8.42
CA ILE B 165 -8.86 14.17 8.51
C ILE B 165 -8.85 13.09 7.43
N GLU B 166 -9.99 12.42 7.28
CA GLU B 166 -10.13 11.36 6.30
C GLU B 166 -10.05 11.91 4.88
N LYS B 167 -10.51 13.14 4.68
CA LYS B 167 -10.45 13.77 3.37
C LYS B 167 -9.01 14.12 3.07
N THR B 168 -8.29 14.51 4.12
CA THR B 168 -6.89 14.89 4.01
C THR B 168 -6.03 13.69 3.65
N ILE B 169 -6.46 12.51 4.11
CA ILE B 169 -5.75 11.26 3.83
C ILE B 169 -5.94 10.87 2.38
N GLN B 170 -7.18 10.90 1.91
CA GLN B 170 -7.47 10.65 0.50
C GLN B 170 -6.67 11.56 -0.43
N TYR B 171 -6.56 12.85 -0.05
CA TYR B 171 -5.80 13.83 -0.82
C TYR B 171 -4.31 13.49 -0.87
N LEU B 172 -3.78 13.03 0.26
CA LEU B 172 -2.38 12.61 0.37
C LEU B 172 -2.04 11.32 -0.40
N ILE B 173 -2.92 10.31 -0.30
CA ILE B 173 -2.70 9.02 -1.00
C ILE B 173 -2.88 9.19 -2.51
N GLY B 174 -3.81 10.07 -2.89
CA GLY B 174 -3.91 10.48 -4.27
C GLY B 174 -2.60 11.13 -4.69
N SER B 175 -2.19 12.12 -3.92
CA SER B 175 -0.99 12.90 -4.22
C SER B 175 0.30 12.08 -4.36
N GLY B 176 0.48 11.10 -3.50
CA GLY B 176 1.73 10.37 -3.48
C GLY B 176 2.85 11.24 -2.94
N MET B 177 4.09 10.81 -3.21
CA MET B 177 5.28 11.53 -2.74
C MET B 177 6.43 11.16 -3.62
N ASP B 178 7.39 12.07 -3.76
CA ASP B 178 8.65 11.77 -4.41
C ASP B 178 9.82 12.16 -3.51
N PRO B 179 10.33 11.19 -2.76
CA PRO B 179 11.42 11.41 -1.83
C PRO B 179 12.70 11.69 -2.58
N ARG B 180 12.62 11.64 -3.90
CA ARG B 180 13.76 11.88 -4.79
C ARG B 180 14.86 10.81 -4.64
N THR B 181 14.42 9.57 -4.39
CA THR B 181 15.30 8.40 -4.23
C THR B 181 15.66 7.74 -5.57
N GLU B 182 14.97 8.17 -6.63
CA GLU B 182 15.37 7.85 -8.01
C GLU B 182 15.66 6.38 -8.26
N ASN B 183 14.92 5.50 -7.60
CA ASN B 183 15.06 4.04 -7.75
C ASN B 183 16.42 3.48 -7.29
N SER B 184 17.23 4.30 -6.62
CA SER B 184 18.49 3.84 -6.08
C SER B 184 18.31 3.37 -4.65
N PRO B 185 18.51 2.07 -4.38
CA PRO B 185 18.43 1.56 -3.03
C PRO B 185 19.43 2.22 -2.09
N TYR B 186 20.52 2.76 -2.63
CA TYR B 186 21.44 3.60 -1.84
C TYR B 186 20.63 4.76 -1.30
N LEU B 187 20.12 5.58 -2.22
CA LEU B 187 19.35 6.74 -1.84
C LEU B 187 18.18 6.36 -0.92
N GLY B 188 17.42 5.34 -1.31
CA GLY B 188 16.22 4.93 -0.60
C GLY B 188 16.45 4.50 0.84
N PHE B 189 17.37 3.57 1.05
CA PHE B 189 17.64 3.07 2.40
C PHE B 189 18.27 4.12 3.30
N ILE B 190 19.10 5.01 2.74
CA ILE B 190 19.62 6.18 3.46
C ILE B 190 18.45 7.08 3.83
N TYR B 191 17.63 7.44 2.86
CA TYR B 191 16.41 8.19 3.14
C TYR B 191 15.66 7.54 4.31
N THR B 192 15.21 6.30 4.13
CA THR B 192 14.45 5.58 5.15
C THR B 192 15.18 5.51 6.49
N SER B 193 16.46 5.16 6.49
CA SER B 193 17.26 5.24 7.70
C SER B 193 16.97 6.54 8.46
N PHE B 194 17.00 7.65 7.71
CA PHE B 194 16.85 8.97 8.28
C PHE B 194 15.42 9.12 8.78
N GLN B 195 14.51 9.00 7.82
CA GLN B 195 13.08 9.14 7.97
C GLN B 195 12.53 8.36 9.16
N GLU B 196 12.98 7.12 9.33
CA GLU B 196 12.54 6.26 10.45
C GLU B 196 13.05 6.76 11.80
N ARG B 197 14.19 7.40 11.80
CA ARG B 197 14.70 7.93 13.06
C ARG B 197 13.95 9.19 13.41
N ALA B 198 13.62 10.00 12.42
CA ALA B 198 12.84 11.20 12.69
C ALA B 198 11.55 10.86 13.43
N THR B 199 10.86 9.81 12.96
CA THR B 199 9.62 9.39 13.61
C THR B 199 9.89 8.76 14.97
N PHE B 200 11.12 8.27 15.17
CA PHE B 200 11.53 7.80 16.49
C PHE B 200 11.66 8.97 17.48
N ILE B 201 12.39 10.02 17.11
CA ILE B 201 12.48 11.24 17.92
C ILE B 201 11.11 11.91 18.03
N SER B 202 10.40 11.93 16.91
CA SER B 202 9.10 12.52 16.86
C SER B 202 8.19 11.89 17.92
N HIS B 203 7.92 10.59 17.83
CA HIS B 203 7.05 9.88 18.77
C HIS B 203 7.59 9.76 20.20
N GLY B 204 8.91 9.85 20.36
CA GLY B 204 9.53 9.93 21.67
C GLY B 204 9.06 11.16 22.40
N ASN B 205 9.15 12.31 21.74
CA ASN B 205 8.68 13.56 22.33
C ASN B 205 7.17 13.58 22.59
N THR B 206 6.34 13.22 21.60
CA THR B 206 4.87 13.26 21.76
C THR B 206 4.44 12.36 22.91
N ALA B 207 5.09 11.21 23.04
CA ALA B 207 4.88 10.30 24.17
C ALA B 207 5.25 10.98 25.47
N ARG B 208 6.48 11.48 25.52
CA ARG B 208 7.01 12.16 26.70
C ARG B 208 6.22 13.45 27.08
N GLN B 209 5.44 13.95 26.13
CA GLN B 209 4.64 15.16 26.33
C GLN B 209 3.24 14.84 26.82
N ALA B 210 2.61 13.83 26.20
CA ALA B 210 1.29 13.33 26.65
C ALA B 210 1.36 12.86 28.11
N LYS B 211 2.54 12.35 28.50
CA LYS B 211 2.82 11.88 29.85
C LYS B 211 2.70 13.03 30.83
N GLU B 212 3.21 14.20 30.42
CA GLU B 212 3.17 15.42 31.23
C GLU B 212 1.77 16.04 31.27
N HIS B 213 1.02 15.87 30.18
CA HIS B 213 -0.38 16.28 30.14
C HIS B 213 -1.34 15.33 30.92
N GLY B 214 -0.76 14.32 31.57
CA GLY B 214 -1.48 13.39 32.42
C GLY B 214 -2.22 12.23 31.76
N ASP B 215 -1.84 11.88 30.53
CA ASP B 215 -2.43 10.70 29.87
C ASP B 215 -1.37 9.62 29.61
N ILE B 216 -1.08 8.83 30.65
CA ILE B 216 -0.04 7.78 30.56
C ILE B 216 -0.44 6.56 29.71
N LYS B 217 -1.71 6.50 29.32
CA LYS B 217 -2.19 5.50 28.37
C LYS B 217 -1.84 5.92 26.95
N LEU B 218 -1.97 7.21 26.66
CA LEU B 218 -1.60 7.74 25.36
C LEU B 218 -0.08 7.89 25.22
N ALA B 219 0.59 8.11 26.35
CA ALA B 219 2.04 8.15 26.39
C ALA B 219 2.62 6.80 25.99
N GLN B 220 2.04 5.72 26.52
CA GLN B 220 2.36 4.33 26.14
C GLN B 220 2.15 4.10 24.64
N ILE B 221 0.99 4.51 24.14
CA ILE B 221 0.66 4.41 22.73
C ILE B 221 1.77 4.96 21.82
N CYS B 222 2.26 6.16 22.12
CA CYS B 222 3.31 6.81 21.33
C CYS B 222 4.66 6.15 21.58
N GLY B 223 4.93 5.85 22.85
CA GLY B 223 6.19 5.22 23.22
C GLY B 223 6.35 3.85 22.58
N THR B 224 5.22 3.20 22.27
CA THR B 224 5.26 1.86 21.70
C THR B 224 5.60 1.95 20.23
N ILE B 225 4.96 2.89 19.51
CA ILE B 225 5.30 3.14 18.12
C ILE B 225 6.80 3.43 18.03
N ALA B 226 7.30 4.28 18.92
CA ALA B 226 8.74 4.58 19.00
C ALA B 226 9.61 3.31 19.12
N ALA B 227 9.19 2.38 19.96
CA ALA B 227 9.92 1.11 20.09
C ALA B 227 10.02 0.40 18.74
N ASP B 228 8.94 0.41 17.97
CA ASP B 228 8.91 -0.20 16.66
C ASP B 228 9.81 0.53 15.70
N GLU B 229 9.77 1.86 15.74
CA GLU B 229 10.51 2.69 14.79
C GLU B 229 12.01 2.51 14.97
N LYS B 230 12.44 2.27 16.21
CA LYS B 230 13.84 2.05 16.48
C LYS B 230 14.27 0.77 15.79
N ARG B 231 13.47 -0.27 15.93
CA ARG B 231 13.79 -1.53 15.30
C ARG B 231 13.96 -1.35 13.80
N HIS B 232 13.03 -0.64 13.15
CA HIS B 232 13.16 -0.40 11.72
C HIS B 232 14.40 0.41 11.41
N GLU B 233 14.64 1.48 12.16
CA GLU B 233 15.83 2.31 12.00
C GLU B 233 17.09 1.46 12.11
N THR B 234 17.10 0.49 13.02
CA THR B 234 18.24 -0.41 13.18
C THR B 234 18.52 -1.18 11.88
N ALA B 235 17.48 -1.80 11.35
CA ALA B 235 17.61 -2.57 10.13
C ALA B 235 17.97 -1.75 8.90
N TYR B 236 17.57 -0.49 8.82
CA TYR B 236 17.92 0.31 7.65
C TYR B 236 19.36 0.82 7.71
N THR B 237 19.76 1.33 8.86
CA THR B 237 21.15 1.77 9.07
C THR B 237 22.10 0.60 8.84
N LYS B 238 21.63 -0.61 9.16
CA LYS B 238 22.40 -1.82 9.01
C LYS B 238 22.61 -2.19 7.54
N ILE B 239 21.59 -2.03 6.70
CA ILE B 239 21.78 -2.17 5.24
C ILE B 239 22.81 -1.14 4.76
N VAL B 240 22.59 0.12 5.12
CA VAL B 240 23.43 1.18 4.61
C VAL B 240 24.87 0.98 5.07
N GLU B 241 25.04 0.53 6.31
CA GLU B 241 26.35 0.21 6.86
C GLU B 241 27.07 -0.74 5.92
N LYS B 242 26.34 -1.73 5.42
CA LYS B 242 26.88 -2.73 4.51
C LYS B 242 27.30 -2.08 3.21
N LEU B 243 26.50 -1.13 2.73
CA LEU B 243 26.81 -0.48 1.46
C LEU B 243 28.07 0.38 1.53
N PHE B 244 28.34 0.94 2.70
CA PHE B 244 29.58 1.68 2.94
C PHE B 244 30.77 0.74 2.98
N GLU B 245 30.54 -0.44 3.54
CA GLU B 245 31.58 -1.46 3.65
C GLU B 245 31.88 -2.07 2.27
N ILE B 246 30.90 -2.06 1.38
CA ILE B 246 31.05 -2.63 0.05
C ILE B 246 31.32 -1.59 -1.03
N ASP B 247 30.61 -0.47 -0.98
CA ASP B 247 30.81 0.60 -1.95
C ASP B 247 30.98 1.93 -1.24
N PRO B 248 32.15 2.14 -0.62
CA PRO B 248 32.32 3.32 0.22
C PRO B 248 32.15 4.60 -0.58
N ASP B 249 32.45 4.55 -1.86
CA ASP B 249 32.35 5.75 -2.69
C ASP B 249 30.89 6.06 -3.02
N GLY B 250 30.22 5.13 -3.67
CA GLY B 250 28.86 5.33 -4.13
C GLY B 250 27.95 5.75 -3.01
N THR B 251 28.12 5.11 -1.86
CA THR B 251 27.26 5.32 -0.71
C THR B 251 27.37 6.74 -0.15
N VAL B 252 28.61 7.19 0.06
CA VAL B 252 28.90 8.56 0.49
C VAL B 252 28.30 9.60 -0.46
N LEU B 253 28.58 9.40 -1.74
CA LEU B 253 28.12 10.30 -2.80
C LEU B 253 26.60 10.40 -2.77
N ALA B 254 25.93 9.26 -2.62
CA ALA B 254 24.48 9.18 -2.44
C ALA B 254 24.03 9.89 -1.16
N PHE B 255 24.69 9.56 -0.05
CA PHE B 255 24.41 10.14 1.25
C PHE B 255 24.46 11.65 1.18
N ALA B 256 25.48 12.18 0.51
CA ALA B 256 25.61 13.61 0.28
C ALA B 256 24.48 14.11 -0.61
N ASP B 257 24.22 13.36 -1.68
CA ASP B 257 23.17 13.71 -2.64
C ASP B 257 21.82 13.91 -1.97
N MET B 258 21.48 13.01 -1.05
CA MET B 258 20.22 13.11 -0.30
C MET B 258 20.11 14.38 0.53
N MET B 259 21.19 14.72 1.22
CA MET B 259 21.19 15.83 2.15
C MET B 259 21.12 17.17 1.44
N ARG B 260 21.71 17.25 0.25
CA ARG B 260 21.61 18.44 -0.60
C ARG B 260 20.17 18.68 -1.04
N LYS B 261 19.51 17.61 -1.46
CA LYS B 261 18.09 17.63 -1.80
C LYS B 261 17.25 17.92 -0.57
N LYS B 262 17.77 17.58 0.60
CA LYS B 262 17.07 17.69 1.88
C LYS B 262 15.96 16.66 1.95
N ILE B 263 15.93 15.94 3.07
CA ILE B 263 14.97 14.86 3.24
C ILE B 263 13.61 15.51 3.29
N SER B 264 12.85 15.42 2.20
CA SER B 264 11.48 15.94 2.17
C SER B 264 10.53 14.92 2.80
N MET B 265 9.99 15.30 3.95
CA MET B 265 9.08 14.47 4.74
C MET B 265 7.91 13.95 3.89
N PRO B 266 7.59 12.65 4.06
CA PRO B 266 6.73 11.91 3.14
C PRO B 266 5.31 12.49 3.03
N ALA B 267 4.87 13.15 4.09
CA ALA B 267 3.55 13.76 4.14
C ALA B 267 3.54 15.23 3.73
N HIS B 268 4.49 15.64 2.89
CA HIS B 268 4.67 17.07 2.62
C HIS B 268 3.75 17.70 1.57
N LEU B 269 2.88 16.91 0.97
CA LEU B 269 1.93 17.43 -0.01
C LEU B 269 0.52 17.37 0.56
N MET B 270 0.48 17.50 1.88
CA MET B 270 -0.74 17.44 2.67
C MET B 270 -1.74 18.51 2.22
N TYR B 271 -3.01 18.12 2.11
CA TYR B 271 -4.06 19.03 1.63
C TYR B 271 -5.44 18.67 2.21
N ASP B 272 -6.13 19.66 2.76
CA ASP B 272 -7.47 19.44 3.30
C ASP B 272 -8.56 20.06 2.44
N GLY B 273 -8.16 20.71 1.35
CA GLY B 273 -9.12 21.39 0.48
C GLY B 273 -9.37 22.82 0.91
N ARG B 274 -8.63 23.27 1.92
CA ARG B 274 -8.77 24.63 2.44
C ARG B 274 -7.40 25.28 2.57
N ASP B 275 -6.47 24.58 3.24
CA ASP B 275 -5.12 25.10 3.49
C ASP B 275 -4.13 24.70 2.41
N ASP B 276 -3.57 25.68 1.71
CA ASP B 276 -2.68 25.41 0.58
C ASP B 276 -1.26 25.02 0.98
N ASN B 277 -0.80 25.51 2.14
CA ASN B 277 0.48 25.08 2.70
C ASN B 277 0.24 24.34 3.99
N LEU B 278 -0.67 23.37 3.95
CA LEU B 278 -1.09 22.70 5.18
C LEU B 278 0.07 22.04 5.90
N PHE B 279 1.00 21.45 5.15
CA PHE B 279 2.12 20.76 5.75
C PHE B 279 2.97 21.73 6.54
N ASP B 280 3.37 22.82 5.90
CA ASP B 280 4.18 23.84 6.55
C ASP B 280 3.57 24.32 7.86
N HIS B 281 2.26 24.56 7.86
CA HIS B 281 1.58 25.03 9.04
C HIS B 281 1.60 23.96 10.12
N PHE B 282 1.39 22.72 9.72
CA PHE B 282 1.47 21.59 10.63
C PHE B 282 2.85 21.48 11.23
N SER B 283 3.87 21.47 10.38
CA SER B 283 5.26 21.45 10.84
C SER B 283 5.58 22.55 11.82
N ALA B 284 5.20 23.78 11.47
CA ALA B 284 5.48 24.94 12.30
C ALA B 284 4.99 24.72 13.72
N VAL B 285 3.86 24.03 13.86
CA VAL B 285 3.25 23.74 15.18
C VAL B 285 4.04 22.67 15.92
N ALA B 286 4.59 21.71 15.19
CA ALA B 286 5.45 20.68 15.78
C ALA B 286 6.81 21.30 16.14
N GLN B 287 7.28 22.18 15.27
CA GLN B 287 8.45 22.97 15.53
C GLN B 287 8.30 23.68 16.86
N ARG B 288 7.19 24.40 17.02
CA ARG B 288 6.94 25.23 18.22
C ARG B 288 6.73 24.41 19.49
N LEU B 289 6.07 23.26 19.35
CA LEU B 289 5.85 22.34 20.46
C LEU B 289 7.11 21.54 20.80
N GLY B 290 8.14 21.68 19.97
CA GLY B 290 9.39 20.97 20.20
C GLY B 290 9.25 19.48 19.98
N VAL B 291 8.32 19.08 19.13
CA VAL B 291 8.07 17.66 18.84
C VAL B 291 9.07 17.19 17.82
N TYR B 292 9.27 18.00 16.79
CA TYR B 292 10.28 17.76 15.77
C TYR B 292 10.78 19.10 15.25
N THR B 293 12.00 19.45 15.66
CA THR B 293 12.58 20.74 15.33
C THR B 293 13.60 20.65 14.21
N ALA B 294 14.14 21.80 13.83
CA ALA B 294 15.25 21.83 12.90
C ALA B 294 16.50 21.34 13.61
N LYS B 295 16.60 21.59 14.91
CA LYS B 295 17.71 21.08 15.72
C LYS B 295 17.79 19.56 15.73
N ASP B 296 16.64 18.89 15.61
CA ASP B 296 16.58 17.44 15.58
C ASP B 296 17.08 16.91 14.27
N TYR B 297 16.56 17.47 13.17
CA TYR B 297 17.02 17.15 11.81
C TYR B 297 18.53 17.11 11.78
N ALA B 298 19.17 18.07 12.45
CA ALA B 298 20.61 18.07 12.60
C ALA B 298 21.10 16.84 13.35
N ASP B 299 20.58 16.59 14.54
CA ASP B 299 20.99 15.44 15.36
C ASP B 299 20.71 14.10 14.71
N ILE B 300 19.72 14.06 13.83
CA ILE B 300 19.42 12.85 13.07
C ILE B 300 20.51 12.61 12.04
N LEU B 301 20.93 13.68 11.38
CA LEU B 301 21.99 13.61 10.38
C LEU B 301 23.30 13.26 11.03
N GLU B 302 23.61 13.94 12.12
CA GLU B 302 24.84 13.74 12.83
C GLU B 302 24.96 12.33 13.37
N PHE B 303 23.83 11.79 13.84
CA PHE B 303 23.81 10.42 14.36
C PHE B 303 24.28 9.46 13.32
N LEU B 304 23.74 9.60 12.12
CA LEU B 304 24.06 8.72 11.01
C LEU B 304 25.55 8.81 10.66
N VAL B 305 26.07 10.03 10.57
CA VAL B 305 27.47 10.24 10.25
C VAL B 305 28.37 9.50 11.25
N GLY B 306 27.90 9.40 12.50
CA GLY B 306 28.61 8.62 13.50
C GLY B 306 28.36 7.14 13.34
N ARG B 307 27.11 6.80 13.03
CA ARG B 307 26.68 5.41 12.94
C ARG B 307 27.45 4.71 11.85
N TRP B 308 27.47 5.31 10.66
CA TRP B 308 28.11 4.69 9.50
C TRP B 308 29.62 4.92 9.41
N LYS B 309 30.15 5.68 10.34
CA LYS B 309 31.56 6.07 10.36
C LYS B 309 31.98 6.72 9.04
N VAL B 310 31.22 7.71 8.61
CA VAL B 310 31.53 8.47 7.41
C VAL B 310 32.85 9.21 7.55
N ASP B 311 33.15 9.65 8.77
CA ASP B 311 34.40 10.37 9.03
C ASP B 311 35.62 9.48 8.83
N LYS B 312 35.46 8.18 9.08
CA LYS B 312 36.60 7.27 9.10
C LYS B 312 36.83 6.50 7.79
N LEU B 313 35.99 6.79 6.80
CA LEU B 313 36.10 6.16 5.49
C LEU B 313 37.45 6.44 4.84
N THR B 314 37.98 5.42 4.17
CA THR B 314 39.27 5.52 3.49
C THR B 314 39.13 5.22 2.01
N GLY B 315 39.93 5.94 1.20
CA GLY B 315 40.04 5.70 -0.23
C GLY B 315 38.79 5.99 -1.04
N LEU B 316 38.37 7.25 -0.99
CA LEU B 316 37.26 7.69 -1.80
C LEU B 316 37.83 8.46 -2.97
N SER B 317 36.99 8.70 -3.96
CA SER B 317 37.37 9.40 -5.17
C SER B 317 37.56 10.90 -4.97
N ALA B 318 37.77 11.58 -6.09
CA ALA B 318 38.06 13.02 -6.13
C ALA B 318 36.90 13.86 -5.62
N GLU B 319 35.67 13.50 -6.00
CA GLU B 319 34.48 14.18 -5.52
C GLU B 319 33.75 13.34 -4.51
N GLY B 320 34.29 12.14 -4.25
CA GLY B 320 33.85 11.34 -3.11
C GLY B 320 34.17 12.05 -1.81
N GLN B 321 35.41 12.56 -1.71
CA GLN B 321 35.87 13.31 -0.55
C GLN B 321 35.11 14.60 -0.38
N LYS B 322 34.89 15.32 -1.48
CA LYS B 322 34.12 16.56 -1.42
C LYS B 322 32.79 16.27 -0.81
N ALA B 323 32.21 15.11 -1.18
CA ALA B 323 30.90 14.69 -0.66
C ALA B 323 30.91 14.32 0.82
N GLN B 324 31.96 13.64 1.25
CA GLN B 324 32.11 13.19 2.63
C GLN B 324 32.30 14.35 3.58
N ASP B 325 33.20 15.25 3.19
CA ASP B 325 33.46 16.46 3.95
C ASP B 325 32.20 17.27 4.13
N TYR B 326 31.39 17.37 3.05
CA TYR B 326 30.13 18.12 3.07
C TYR B 326 29.17 17.60 4.12
N VAL B 327 29.02 16.30 4.18
CA VAL B 327 28.10 15.66 5.11
C VAL B 327 28.53 15.86 6.57
N CYS B 328 29.80 15.64 6.86
CA CYS B 328 30.30 15.76 8.23
C CYS B 328 30.13 17.14 8.89
N ARG B 329 30.30 18.19 8.09
CA ARG B 329 30.26 19.56 8.59
C ARG B 329 28.85 20.14 8.53
N LEU B 330 27.91 19.36 8.00
CA LEU B 330 26.55 19.83 7.83
C LEU B 330 25.74 19.99 9.15
N PRO B 331 25.88 19.04 10.10
CA PRO B 331 25.16 19.23 11.37
C PRO B 331 25.46 20.53 12.10
N PRO B 332 26.74 20.83 12.43
CA PRO B 332 26.94 22.09 13.13
C PRO B 332 26.54 23.31 12.30
N ARG B 333 26.47 23.14 10.98
CA ARG B 333 26.21 24.22 10.08
C ARG B 333 24.75 24.60 10.17
N ILE B 334 23.89 23.59 10.20
CA ILE B 334 22.44 23.78 10.33
C ILE B 334 22.12 24.43 11.68
N ARG B 335 22.62 23.84 12.75
CA ARG B 335 22.36 24.31 14.10
C ARG B 335 22.59 25.80 14.31
N ARG B 336 23.53 26.40 13.58
CA ARG B 336 23.82 27.83 13.69
C ARG B 336 22.78 28.62 12.92
N LEU B 337 22.54 28.17 11.70
CA LEU B 337 21.53 28.77 10.85
C LEU B 337 20.21 28.72 11.61
N GLU B 338 20.00 27.62 12.34
CA GLU B 338 18.82 27.40 13.15
C GLU B 338 18.71 28.47 14.22
N GLU B 339 19.67 28.47 15.14
CA GLU B 339 19.76 29.43 16.24
C GLU B 339 19.52 30.87 15.77
N ARG B 340 20.09 31.22 14.61
CA ARG B 340 19.92 32.53 14.02
C ARG B 340 18.46 32.80 13.73
N ALA B 341 17.81 31.88 13.04
CA ALA B 341 16.43 32.05 12.63
C ALA B 341 15.52 32.33 13.83
N GLN B 342 15.84 31.73 14.98
CA GLN B 342 15.08 31.90 16.22
C GLN B 342 15.15 33.33 16.76
N GLY B 343 16.36 33.91 16.69
CA GLY B 343 16.59 35.29 17.07
C GLY B 343 15.81 36.26 16.21
N ARG B 344 15.97 36.16 14.89
CA ARG B 344 15.29 37.06 13.94
C ARG B 344 13.78 36.72 13.77
N ALA B 345 13.38 35.56 14.31
CA ALA B 345 12.02 35.03 14.18
C ALA B 345 10.93 35.96 14.69
N LYS B 346 9.96 36.25 13.83
CA LYS B 346 8.86 37.17 14.18
C LYS B 346 7.81 36.44 15.02
N GLU B 347 6.95 37.22 15.67
CA GLU B 347 5.82 36.68 16.42
C GLU B 347 4.98 35.74 15.56
N ALA B 348 4.76 34.52 16.05
CA ALA B 348 3.99 33.52 15.32
C ALA B 348 2.50 33.87 15.29
N PRO B 349 1.87 33.76 14.10
CA PRO B 349 0.45 34.07 14.00
C PRO B 349 -0.39 32.90 14.47
N THR B 350 -1.66 33.16 14.75
CA THR B 350 -2.60 32.09 15.06
C THR B 350 -3.39 31.71 13.80
N MET B 351 -3.77 30.44 13.69
CA MET B 351 -4.39 29.92 12.48
C MET B 351 -5.39 28.81 12.74
N PRO B 352 -6.49 28.75 11.95
CA PRO B 352 -7.49 27.69 12.11
C PRO B 352 -7.08 26.42 11.40
N PHE B 353 -7.49 25.29 11.93
CA PHE B 353 -7.19 23.99 11.34
C PHE B 353 -8.46 23.17 11.19
N SER B 354 -8.73 22.76 9.95
CA SER B 354 -9.95 22.02 9.63
C SER B 354 -10.02 20.67 10.32
N TRP B 355 -8.88 20.17 10.76
CA TRP B 355 -8.82 18.91 11.51
C TRP B 355 -9.44 19.06 12.90
N ILE B 356 -9.33 20.27 13.46
CA ILE B 356 -9.94 20.59 14.75
C ILE B 356 -11.12 21.59 14.62
N PHE B 357 -11.97 21.39 13.61
CA PHE B 357 -13.17 22.18 13.41
C PHE B 357 -12.89 23.66 13.30
N ASP B 358 -11.76 24.02 12.69
CA ASP B 358 -11.33 25.42 12.53
C ASP B 358 -10.96 26.17 13.81
N ARG B 359 -10.94 25.48 14.94
CA ARG B 359 -10.40 26.06 16.18
C ARG B 359 -8.96 26.43 15.92
N GLN B 360 -8.44 27.44 16.62
CA GLN B 360 -7.13 27.99 16.25
C GLN B 360 -5.99 27.60 17.18
N VAL B 361 -4.78 27.50 16.61
CA VAL B 361 -3.53 27.24 17.35
C VAL B 361 -2.40 28.11 16.81
N LYS B 362 -1.30 28.19 17.54
CA LYS B 362 -0.21 29.10 17.19
C LYS B 362 0.89 28.43 16.34
N LEU B 363 1.29 29.07 15.25
CA LEU B 363 2.30 28.49 14.34
C LEU B 363 3.71 28.97 14.66
N ALA C 1 28.41 51.64 -2.15
CA ALA C 1 29.71 51.34 -2.83
C ALA C 1 30.86 52.23 -2.34
N LYS C 2 31.83 51.59 -1.68
CA LYS C 2 33.07 52.23 -1.25
C LYS C 2 34.10 51.14 -0.94
N LYS C 3 35.38 51.47 -1.10
CA LYS C 3 36.45 50.46 -1.06
C LYS C 3 36.52 49.59 0.20
N GLU C 4 36.39 50.19 1.39
CA GLU C 4 36.53 49.47 2.66
C GLU C 4 35.39 48.48 2.91
N THR C 5 34.20 48.83 2.45
CA THR C 5 33.04 47.96 2.55
C THR C 5 33.27 46.73 1.68
N ILE C 6 33.50 46.96 0.39
CA ILE C 6 33.84 45.89 -0.57
C ILE C 6 35.01 45.04 -0.04
N ASP C 7 35.96 45.67 0.64
CA ASP C 7 37.12 44.96 1.21
C ASP C 7 36.70 43.75 2.05
N LYS C 8 36.03 43.99 3.17
CA LYS C 8 35.61 42.92 4.08
C LYS C 8 34.59 41.97 3.45
N VAL C 9 33.76 42.48 2.54
CA VAL C 9 32.80 41.62 1.81
C VAL C 9 33.51 40.63 0.88
N SER C 10 34.50 41.11 0.11
CA SER C 10 35.37 40.25 -0.68
C SER C 10 36.03 39.20 0.22
N ASP C 11 36.59 39.65 1.34
CA ASP C 11 37.32 38.78 2.27
C ASP C 11 36.43 37.71 2.92
N ILE C 12 35.21 38.11 3.29
CA ILE C 12 34.27 37.21 3.95
C ILE C 12 33.76 36.12 3.01
N VAL C 13 33.53 36.48 1.75
CA VAL C 13 33.09 35.55 0.71
C VAL C 13 34.21 34.56 0.36
N LYS C 14 35.44 35.04 0.35
CA LYS C 14 36.61 34.19 0.16
C LYS C 14 36.74 33.18 1.29
N GLU C 15 36.86 33.70 2.51
CA GLU C 15 37.02 32.89 3.72
C GLU C 15 35.87 31.85 3.90
N LYS C 16 34.68 32.21 3.46
CA LYS C 16 33.55 31.31 3.55
C LYS C 16 33.61 30.19 2.48
N LEU C 17 33.81 30.58 1.23
CA LEU C 17 33.78 29.66 0.09
C LEU C 17 35.13 29.01 -0.23
N ALA C 18 36.08 29.16 0.69
CA ALA C 18 37.43 28.58 0.60
C ALA C 18 38.12 28.88 -0.73
N LEU C 19 38.62 30.09 -0.87
CA LEU C 19 39.31 30.53 -2.07
C LEU C 19 40.57 31.31 -1.69
N GLY C 20 41.67 31.07 -2.44
CA GLY C 20 42.93 31.81 -2.25
C GLY C 20 42.82 33.23 -2.79
N ALA C 21 43.76 34.08 -2.43
CA ALA C 21 43.75 35.50 -2.86
C ALA C 21 43.94 35.65 -4.39
N ASP C 22 44.52 34.62 -5.00
CA ASP C 22 44.71 34.53 -6.44
C ASP C 22 43.39 34.37 -7.21
N VAL C 23 42.32 34.04 -6.48
CA VAL C 23 40.96 33.96 -7.04
C VAL C 23 40.35 35.35 -7.06
N VAL C 24 39.87 35.75 -8.24
CA VAL C 24 39.35 37.10 -8.49
C VAL C 24 37.92 37.31 -8.00
N VAL C 25 37.69 38.45 -7.35
CA VAL C 25 36.37 38.81 -6.85
C VAL C 25 36.13 40.31 -7.06
N THR C 26 35.35 40.64 -8.08
CA THR C 26 35.03 42.03 -8.38
C THR C 26 33.75 42.43 -7.67
N ALA C 27 33.41 43.71 -7.74
CA ALA C 27 32.13 44.20 -7.25
C ALA C 27 30.98 43.52 -8.00
N ASP C 28 31.11 43.46 -9.33
CA ASP C 28 30.08 42.91 -10.22
C ASP C 28 29.94 41.39 -10.20
N SER C 29 30.93 40.69 -9.65
CA SER C 29 30.92 39.23 -9.63
C SER C 29 29.78 38.71 -8.77
N GLU C 30 29.21 37.59 -9.21
CA GLU C 30 28.02 36.99 -8.59
C GLU C 30 28.34 35.92 -7.55
N PHE C 31 27.33 35.48 -6.80
CA PHE C 31 27.50 34.47 -5.75
C PHE C 31 27.48 33.03 -6.28
N SER C 32 26.41 32.69 -7.00
CA SER C 32 26.31 31.36 -7.62
C SER C 32 27.50 31.11 -8.53
N LYS C 33 27.88 32.13 -9.30
CA LYS C 33 29.05 32.08 -10.19
C LYS C 33 30.37 31.72 -9.47
N LEU C 34 30.47 32.05 -8.18
CA LEU C 34 31.66 31.71 -7.39
C LEU C 34 31.50 30.34 -6.72
N GLY C 35 30.39 29.68 -7.03
CA GLY C 35 30.09 28.36 -6.51
C GLY C 35 29.59 28.39 -5.07
N ALA C 36 28.40 28.93 -4.87
CA ALA C 36 27.76 28.88 -3.57
C ALA C 36 26.34 28.38 -3.71
N ASP C 37 25.93 27.52 -2.77
CA ASP C 37 24.56 27.06 -2.70
C ASP C 37 23.71 28.01 -1.84
N LEU C 39 22.63 27.76 0.76
CA LEU C 39 22.97 27.65 2.17
C LEU C 39 24.20 28.49 2.52
N ASP C 40 25.20 28.47 1.64
CA ASP C 40 26.42 29.27 1.79
C ASP C 40 26.10 30.76 1.80
N THR C 41 25.09 31.12 1.00
CA THR C 41 24.58 32.49 0.87
C THR C 41 24.02 33.04 2.18
N VAL C 42 23.18 32.26 2.85
CA VAL C 42 22.63 32.66 4.14
C VAL C 42 23.72 32.71 5.21
N GLU C 43 24.69 31.79 5.12
CA GLU C 43 25.83 31.76 6.04
C GLU C 43 26.72 32.98 5.87
N ILE C 44 26.98 33.36 4.62
CA ILE C 44 27.76 34.56 4.30
C ILE C 44 27.17 35.80 4.96
N VAL C 45 25.86 35.96 4.82
CA VAL C 45 25.13 37.07 5.46
C VAL C 45 25.28 37.01 6.98
N MET C 46 25.16 35.80 7.54
CA MET C 46 25.28 35.61 8.98
C MET C 46 26.67 35.97 9.51
N ASN C 47 27.70 35.75 8.71
CA ASN C 47 29.03 36.17 9.10
C ASN C 47 29.13 37.68 9.11
N LEU C 48 28.57 38.32 8.06
CA LEU C 48 28.66 39.77 7.87
C LEU C 48 28.10 40.50 9.06
N GLU C 49 26.95 40.01 9.53
CA GLU C 49 26.28 40.59 10.69
C GLU C 49 27.09 40.48 11.97
N GLU C 50 27.80 39.37 12.14
CA GLU C 50 28.72 39.22 13.27
C GLU C 50 30.00 40.05 13.11
N GLU C 51 30.43 40.26 11.86
CA GLU C 51 31.62 41.08 11.58
C GLU C 51 31.33 42.57 11.68
N PHE C 52 30.12 42.98 11.29
CA PHE C 52 29.76 44.40 11.29
C PHE C 52 28.89 44.83 12.48
N GLY C 53 28.28 43.87 13.16
CA GLY C 53 27.46 44.16 14.35
C GLY C 53 26.14 44.85 14.01
N ILE C 54 25.62 44.54 12.82
CA ILE C 54 24.31 45.00 12.38
C ILE C 54 23.67 43.86 11.62
N ASN C 55 22.34 43.77 11.65
CA ASN C 55 21.69 42.62 11.00
C ASN C 55 20.55 42.91 10.03
N VAL C 56 20.40 41.98 9.08
CA VAL C 56 19.50 42.10 7.95
C VAL C 56 18.27 41.23 8.16
N ASP C 57 17.10 41.82 7.97
CA ASP C 57 15.86 41.03 7.84
C ASP C 57 15.93 40.28 6.51
N GLU C 58 15.29 39.12 6.44
CA GLU C 58 15.38 38.27 5.24
C GLU C 58 14.54 38.74 4.04
N ASP C 59 13.69 39.74 4.28
CA ASP C 59 12.89 40.38 3.22
C ASP C 59 13.70 41.33 2.33
N LYS C 60 14.99 41.45 2.64
CA LYS C 60 15.97 42.14 1.80
C LYS C 60 17.13 41.20 1.40
N ALA C 61 17.06 39.96 1.88
CA ALA C 61 18.11 38.96 1.66
C ALA C 61 18.01 38.21 0.31
N GLN C 62 16.90 38.40 -0.40
CA GLN C 62 16.68 37.77 -1.72
C GLN C 62 17.16 38.62 -2.91
N ASP C 63 17.25 39.94 -2.72
CA ASP C 63 17.75 40.87 -3.76
C ASP C 63 19.26 40.73 -3.97
N ILE C 64 19.93 40.10 -3.00
CA ILE C 64 21.39 39.89 -3.01
C ILE C 64 21.89 39.15 -4.28
N SER C 65 22.16 39.93 -5.32
CA SER C 65 22.65 39.41 -6.59
C SER C 65 24.19 39.34 -6.61
N THR C 66 24.83 40.45 -6.25
CA THR C 66 26.28 40.59 -6.36
C THR C 66 26.89 41.11 -5.05
N ILE C 67 28.22 41.10 -4.97
CA ILE C 67 28.99 41.76 -3.91
C ILE C 67 28.58 43.23 -3.82
N GLN C 68 28.44 43.87 -4.97
CA GLN C 68 27.94 45.25 -5.08
C GLN C 68 26.55 45.39 -4.44
N GLN C 69 25.61 44.52 -4.84
CA GLN C 69 24.25 44.52 -4.29
C GLN C 69 24.25 44.26 -2.79
N ALA C 70 25.25 43.50 -2.32
CA ALA C 70 25.37 43.14 -0.90
C ALA C 70 26.15 44.16 -0.08
N ALA C 71 27.23 44.69 -0.63
CA ALA C 71 27.99 45.72 0.05
C ALA C 71 27.24 47.06 0.06
N ASP C 72 26.26 47.17 -0.85
CA ASP C 72 25.43 48.35 -0.95
C ASP C 72 24.47 48.48 0.25
N VAL C 73 23.84 47.37 0.61
CA VAL C 73 22.87 47.32 1.71
C VAL C 73 23.52 47.50 3.10
N ILE C 74 24.77 47.05 3.25
CA ILE C 74 25.55 47.25 4.50
C ILE C 74 25.80 48.73 4.80
N GLU C 75 26.03 49.51 3.75
CA GLU C 75 26.28 50.95 3.88
C GLU C 75 25.02 51.77 4.17
N GLY C 76 23.85 51.13 4.04
CA GLY C 76 22.58 51.74 4.39
C GLY C 76 22.13 51.36 5.79
N LEU C 77 22.61 50.21 6.27
CA LEU C 77 22.34 49.74 7.63
C LEU C 77 23.28 50.38 8.67
N LEU C 78 24.53 50.63 8.27
CA LEU C 78 25.50 51.34 9.14
C LEU C 78 25.23 52.85 9.21
N GLU C 79 24.58 53.39 8.17
CA GLU C 79 24.09 54.77 8.17
C GLU C 79 22.75 54.90 8.92
N LYS C 80 22.41 53.87 9.71
CA LYS C 80 21.21 53.86 10.57
C LYS C 80 21.57 53.90 12.07
N LYS C 81 22.38 52.94 12.53
CA LYS C 81 22.77 52.92 13.95
C LYS C 81 23.90 53.88 14.31
N ALA C 82 24.95 53.91 13.50
CA ALA C 82 26.15 54.73 13.76
C ALA C 82 25.88 56.23 13.90
N ALA D 1 -17.04 -55.67 -19.29
CA ALA D 1 -16.28 -55.53 -20.57
C ALA D 1 -17.13 -55.84 -21.81
N LYS D 2 -18.45 -55.92 -21.62
CA LYS D 2 -19.39 -56.31 -22.69
C LYS D 2 -19.47 -55.23 -23.78
N LYS D 3 -19.45 -55.66 -25.05
CA LYS D 3 -19.46 -54.72 -26.18
C LYS D 3 -20.85 -54.09 -26.45
N GLU D 4 -21.36 -53.42 -25.42
CA GLU D 4 -22.47 -52.48 -25.52
C GLU D 4 -22.23 -51.29 -24.60
N THR D 5 -21.28 -51.45 -23.68
CA THR D 5 -20.80 -50.37 -22.82
C THR D 5 -19.53 -49.74 -23.41
N ILE D 6 -18.65 -50.57 -23.99
CA ILE D 6 -17.46 -50.08 -24.70
C ILE D 6 -17.87 -49.32 -25.98
N ASP D 7 -19.01 -49.70 -26.56
CA ASP D 7 -19.58 -48.99 -27.71
C ASP D 7 -20.10 -47.60 -27.34
N LYS D 8 -20.87 -47.52 -26.27
CA LYS D 8 -21.49 -46.25 -25.82
C LYS D 8 -20.53 -45.26 -25.16
N VAL D 9 -19.38 -45.75 -24.70
CA VAL D 9 -18.33 -44.88 -24.13
C VAL D 9 -17.55 -44.15 -25.23
N SER D 10 -17.19 -44.89 -26.29
CA SER D 10 -16.48 -44.31 -27.44
C SER D 10 -17.12 -43.01 -27.93
N ASP D 11 -18.43 -43.04 -28.12
CA ASP D 11 -19.20 -41.90 -28.64
C ASP D 11 -19.12 -40.67 -27.74
N ILE D 12 -19.11 -40.91 -26.44
CA ILE D 12 -19.07 -39.84 -25.44
C ILE D 12 -17.66 -39.26 -25.29
N VAL D 13 -16.64 -40.12 -25.41
CA VAL D 13 -15.24 -39.67 -25.37
C VAL D 13 -14.93 -38.78 -26.58
N LYS D 14 -15.39 -39.21 -27.76
CA LYS D 14 -15.19 -38.46 -29.00
C LYS D 14 -15.95 -37.13 -29.01
N GLU D 15 -17.24 -37.18 -28.68
CA GLU D 15 -18.09 -35.99 -28.68
C GLU D 15 -17.64 -34.92 -27.68
N LYS D 16 -16.95 -35.34 -26.62
CA LYS D 16 -16.48 -34.42 -25.58
C LYS D 16 -15.09 -33.83 -25.88
N LEU D 17 -14.14 -34.69 -26.27
CA LEU D 17 -12.75 -34.27 -26.45
C LEU D 17 -12.46 -33.61 -27.80
N ALA D 18 -13.52 -33.34 -28.56
CA ALA D 18 -13.44 -32.70 -29.88
C ALA D 18 -12.50 -33.43 -30.87
N LEU D 19 -12.55 -34.75 -30.85
CA LEU D 19 -11.78 -35.59 -31.77
C LEU D 19 -12.70 -36.18 -32.85
N GLY D 20 -12.35 -35.99 -34.11
CA GLY D 20 -13.11 -36.55 -35.22
C GLY D 20 -13.09 -38.07 -35.22
N ALA D 21 -14.12 -38.68 -35.81
CA ALA D 21 -14.26 -40.14 -35.84
C ALA D 21 -13.11 -40.88 -36.54
N ASP D 22 -12.11 -40.11 -37.02
CA ASP D 22 -10.94 -40.66 -37.73
C ASP D 22 -9.83 -41.14 -36.79
N VAL D 23 -9.76 -40.56 -35.60
CA VAL D 23 -8.79 -40.98 -34.57
C VAL D 23 -9.29 -42.28 -33.93
N VAL D 24 -8.56 -43.38 -34.15
CA VAL D 24 -8.97 -44.72 -33.69
C VAL D 24 -8.83 -44.89 -32.18
N VAL D 25 -9.86 -45.47 -31.56
CA VAL D 25 -9.90 -45.62 -30.10
C VAL D 25 -10.08 -47.07 -29.67
N THR D 26 -9.21 -47.53 -28.78
CA THR D 26 -9.31 -48.86 -28.16
C THR D 26 -9.63 -48.76 -26.65
N ALA D 27 -9.81 -49.92 -26.00
CA ALA D 27 -10.20 -49.97 -24.59
C ALA D 27 -9.09 -49.60 -23.60
N ASP D 28 -7.89 -49.31 -24.10
CA ASP D 28 -6.73 -49.02 -23.25
C ASP D 28 -6.15 -47.61 -23.44
N SER D 29 -6.83 -46.78 -24.24
CA SER D 29 -6.40 -45.40 -24.47
C SER D 29 -6.64 -44.53 -23.23
N GLU D 30 -5.58 -43.87 -22.75
CA GLU D 30 -5.67 -43.00 -21.58
C GLU D 30 -6.23 -41.61 -21.94
N PHE D 31 -6.75 -40.91 -20.93
CA PHE D 31 -7.33 -39.58 -21.09
C PHE D 31 -6.28 -38.48 -21.27
N SER D 32 -5.14 -38.64 -20.61
CA SER D 32 -4.00 -37.73 -20.76
C SER D 32 -3.36 -37.92 -22.13
N LYS D 33 -3.33 -39.17 -22.58
CA LYS D 33 -2.87 -39.56 -23.92
C LYS D 33 -3.66 -38.86 -25.03
N LEU D 34 -4.97 -38.75 -24.84
CA LEU D 34 -5.89 -38.19 -25.85
C LEU D 34 -6.02 -36.66 -25.76
N GLY D 35 -5.21 -36.04 -24.90
CA GLY D 35 -5.14 -34.58 -24.79
C GLY D 35 -6.36 -33.96 -24.14
N ALA D 36 -6.33 -33.85 -22.82
CA ALA D 36 -7.41 -33.25 -22.05
C ALA D 36 -6.93 -32.67 -20.73
N ASP D 37 -7.48 -31.52 -20.35
CA ASP D 37 -7.22 -30.93 -19.03
C ASP D 37 -8.00 -31.66 -17.94
N LEU D 39 -10.30 -30.76 -15.82
CA LEU D 39 -11.73 -30.46 -15.76
C LEU D 39 -12.54 -31.45 -16.61
N ASP D 40 -11.98 -31.84 -17.76
CA ASP D 40 -12.63 -32.77 -18.69
C ASP D 40 -12.86 -34.15 -18.07
N THR D 41 -11.91 -34.60 -17.25
CA THR D 41 -11.97 -35.92 -16.60
C THR D 41 -13.31 -36.17 -15.90
N VAL D 42 -13.79 -35.16 -15.18
CA VAL D 42 -15.09 -35.23 -14.53
C VAL D 42 -16.22 -35.05 -15.55
N GLU D 43 -16.03 -34.10 -16.47
CA GLU D 43 -17.04 -33.81 -17.49
C GLU D 43 -17.37 -35.00 -18.36
N ILE D 44 -16.41 -35.89 -18.54
CA ILE D 44 -16.62 -37.10 -19.33
C ILE D 44 -17.53 -38.06 -18.55
N VAL D 45 -17.27 -38.17 -17.26
CA VAL D 45 -18.11 -38.97 -16.37
C VAL D 45 -19.49 -38.33 -16.21
N MET D 46 -19.53 -37.00 -16.28
CA MET D 46 -20.75 -36.21 -16.18
C MET D 46 -21.81 -36.66 -17.21
N ASN D 47 -21.37 -36.84 -18.46
CA ASN D 47 -22.24 -37.28 -19.54
C ASN D 47 -22.76 -38.70 -19.33
N LEU D 48 -21.86 -39.59 -18.94
CA LEU D 48 -22.18 -41.01 -18.74
C LEU D 48 -23.25 -41.21 -17.67
N GLU D 49 -23.23 -40.34 -16.67
CA GLU D 49 -24.27 -40.34 -15.63
C GLU D 49 -25.64 -39.99 -16.19
N GLU D 50 -25.68 -39.07 -17.15
CA GLU D 50 -26.93 -38.64 -17.76
C GLU D 50 -27.33 -39.57 -18.92
N GLU D 51 -26.35 -40.30 -19.47
CA GLU D 51 -26.57 -41.17 -20.63
C GLU D 51 -26.70 -42.66 -20.23
N PHE D 52 -26.72 -42.91 -18.92
CA PHE D 52 -26.90 -44.28 -18.41
C PHE D 52 -27.87 -44.38 -17.24
N GLY D 53 -28.37 -43.23 -16.77
CA GLY D 53 -29.31 -43.18 -15.66
C GLY D 53 -28.78 -43.73 -14.35
N ILE D 54 -27.46 -43.64 -14.18
CA ILE D 54 -26.78 -44.09 -12.96
C ILE D 54 -25.74 -43.06 -12.52
N ASN D 55 -25.56 -42.90 -11.22
CA ASN D 55 -24.56 -41.98 -10.71
C ASN D 55 -23.36 -42.67 -10.07
N VAL D 56 -22.19 -42.43 -10.65
CA VAL D 56 -20.94 -42.89 -10.09
C VAL D 56 -20.57 -41.97 -8.95
N ASP D 57 -20.28 -42.54 -7.80
CA ASP D 57 -19.87 -41.77 -6.63
C ASP D 57 -18.51 -41.11 -6.86
N GLU D 58 -18.31 -39.98 -6.19
CA GLU D 58 -17.07 -39.22 -6.29
C GLU D 58 -15.85 -40.09 -5.98
N ASP D 59 -16.04 -41.03 -5.06
CA ASP D 59 -14.96 -41.92 -4.60
C ASP D 59 -14.37 -42.76 -5.73
N LYS D 60 -15.19 -43.62 -6.36
CA LYS D 60 -14.71 -44.56 -7.39
C LYS D 60 -14.47 -43.90 -8.76
N ALA D 61 -14.57 -42.57 -8.79
CA ALA D 61 -14.39 -41.80 -10.02
C ALA D 61 -12.92 -41.62 -10.40
N GLN D 62 -12.08 -41.32 -9.41
CA GLN D 62 -10.67 -40.97 -9.66
C GLN D 62 -9.77 -42.13 -10.10
N ASP D 63 -10.15 -43.36 -9.78
CA ASP D 63 -9.36 -44.57 -10.09
C ASP D 63 -9.17 -44.82 -11.60
N ILE D 64 -9.94 -44.09 -12.41
CA ILE D 64 -10.03 -44.33 -13.85
C ILE D 64 -8.83 -43.75 -14.62
N SER D 65 -8.20 -44.61 -15.42
CA SER D 65 -7.07 -44.21 -16.26
C SER D 65 -7.37 -44.39 -17.75
N THR D 66 -8.13 -45.43 -18.09
CA THR D 66 -8.49 -45.76 -19.50
C THR D 66 -10.01 -45.96 -19.68
N ILE D 67 -10.42 -46.40 -20.87
CA ILE D 67 -11.85 -46.65 -21.15
C ILE D 67 -12.37 -47.92 -20.46
N GLN D 68 -11.58 -48.99 -20.49
CA GLN D 68 -11.98 -50.25 -19.88
C GLN D 68 -12.21 -50.09 -18.38
N GLN D 69 -11.26 -49.43 -17.70
CA GLN D 69 -11.34 -49.14 -16.26
C GLN D 69 -12.60 -48.33 -15.93
N ALA D 70 -13.09 -47.57 -16.91
CA ALA D 70 -14.29 -46.76 -16.77
C ALA D 70 -15.56 -47.55 -17.09
N ALA D 71 -15.65 -48.01 -18.34
CA ALA D 71 -16.81 -48.77 -18.82
C ALA D 71 -17.11 -50.01 -17.96
N ASP D 72 -16.15 -50.35 -17.09
CA ASP D 72 -16.28 -51.47 -16.16
C ASP D 72 -17.15 -51.10 -14.96
N VAL D 73 -16.96 -49.88 -14.43
CA VAL D 73 -17.70 -49.39 -13.26
C VAL D 73 -19.18 -49.15 -13.59
N ILE D 74 -19.48 -48.96 -14.87
CA ILE D 74 -20.86 -48.85 -15.39
C ILE D 74 -21.57 -50.21 -15.35
N GLU D 75 -20.84 -51.26 -15.72
CA GLU D 75 -21.36 -52.63 -15.74
C GLU D 75 -21.89 -53.05 -14.37
N GLY D 76 -21.16 -52.67 -13.31
CA GLY D 76 -21.49 -53.06 -11.94
C GLY D 76 -22.72 -52.38 -11.36
N LEU D 77 -22.85 -51.07 -11.63
CA LEU D 77 -23.96 -50.27 -11.11
C LEU D 77 -25.24 -50.42 -11.93
N LEU D 78 -25.13 -51.03 -13.12
CA LEU D 78 -26.30 -51.44 -13.91
C LEU D 78 -26.76 -52.84 -13.52
N GLU D 79 -25.88 -53.59 -12.84
CA GLU D 79 -26.19 -54.95 -12.38
C GLU D 79 -26.91 -54.97 -11.04
N LYS D 80 -26.63 -53.99 -10.18
CA LYS D 80 -27.34 -53.88 -8.91
C LYS D 80 -28.40 -52.75 -8.92
N LYS D 81 -28.97 -52.51 -10.10
CA LYS D 81 -30.11 -51.60 -10.28
C LYS D 81 -31.09 -52.11 -11.34
N ALA D 82 -30.58 -52.49 -12.51
CA ALA D 82 -31.41 -53.03 -13.60
C ALA D 82 -31.78 -54.49 -13.36
#